data_8GJF
#
_entry.id   8GJF
#
_cell.length_a   146.004
_cell.length_b   84.830
_cell.length_c   70.452
_cell.angle_alpha   90.00
_cell.angle_beta   91.41
_cell.angle_gamma   90.00
#
_symmetry.space_group_name_H-M   'C 1 2 1'
#
loop_
_entity.id
_entity.type
_entity.pdbx_description
1 polymer 'Proliferating cell nuclear antigen'
2 polymer LYS-ARG-ARG-GLN-THR-SER-MET-THR-ASP-PHE-TYR-HIS-SER-LYS-ARG
3 water water
#
loop_
_entity_poly.entity_id
_entity_poly.type
_entity_poly.pdbx_seq_one_letter_code
_entity_poly.pdbx_strand_id
1 'polypeptide(L)'
;MLEARLEQASLLKRVVDAIKDLVQDCNFDCNDSGIALQAMDNSHVALVSMLLKAEGFSAYRCDRNIALGINLVSLTKVLR
AAQNEDILTLKADDSPDAVNLMFESAETDRISEYDIKLMDIDQEHLAIPETEYAATVEMPSAEFQRICRDLNALSESVVI
EATKEGVKFSCQGDIGSGSVTIRQHTSVDKPEQNVSIALSEPVALTFSLKYLVNFCKATSLSSKVTLCLSQEVPLLVEYG
LGSGHLRFYLAPKIGD
;
A,B,C
2 'polypeptide(L)' KRRQTSMTDFYHSKR D,E,F
#
# COMPACT_ATOMS: atom_id res chain seq x y z
N MET A 1 5.33 -42.03 -5.76
CA MET A 1 4.10 -42.05 -6.53
C MET A 1 3.99 -40.80 -7.40
N LEU A 2 3.85 -39.65 -6.76
CA LEU A 2 3.56 -38.38 -7.44
C LEU A 2 4.82 -37.52 -7.49
N GLU A 3 5.16 -37.07 -8.69
CA GLU A 3 6.21 -36.08 -8.93
C GLU A 3 5.78 -35.20 -10.08
N ALA A 4 5.49 -33.93 -9.80
CA ALA A 4 4.98 -33.00 -10.80
C ALA A 4 5.82 -31.73 -10.77
N ARG A 5 6.37 -31.36 -11.92
CA ARG A 5 7.33 -30.26 -11.99
C ARG A 5 6.77 -29.14 -12.86
N LEU A 6 6.60 -27.96 -12.27
CA LEU A 6 6.22 -26.75 -12.97
C LEU A 6 7.46 -25.94 -13.30
N GLU A 7 7.51 -25.43 -14.53
CA GLU A 7 8.66 -24.63 -14.97
C GLU A 7 8.62 -23.23 -14.33
N GLN A 8 7.43 -22.68 -14.20
CA GLN A 8 7.14 -21.39 -13.59
C GLN A 8 6.39 -21.64 -12.29
N ALA A 9 6.93 -21.15 -11.18
CA ALA A 9 6.19 -21.27 -9.94
C ALA A 9 4.96 -20.36 -9.92
N SER A 10 4.92 -19.36 -10.81
CA SER A 10 3.84 -18.37 -10.80
C SER A 10 2.46 -19.01 -10.95
N LEU A 11 2.34 -19.98 -11.86
CA LEU A 11 1.02 -20.57 -12.14
C LEU A 11 0.34 -21.08 -10.88
N LEU A 12 1.07 -21.87 -10.08
CA LEU A 12 0.47 -22.44 -8.87
C LEU A 12 0.13 -21.35 -7.86
N LYS A 13 1.01 -20.35 -7.70
CA LYS A 13 0.77 -19.28 -6.75
C LYS A 13 -0.49 -18.52 -7.11
N ARG A 14 -0.59 -18.05 -8.35
CA ARG A 14 -1.79 -17.36 -8.82
C ARG A 14 -3.04 -18.23 -8.67
N VAL A 15 -2.95 -19.51 -9.03
CA VAL A 15 -4.11 -20.40 -8.93
C VAL A 15 -4.59 -20.49 -7.49
N VAL A 16 -3.67 -20.73 -6.56
CA VAL A 16 -4.05 -20.82 -5.15
C VAL A 16 -4.64 -19.49 -4.67
N ASP A 17 -4.04 -18.37 -5.08
CA ASP A 17 -4.58 -17.06 -4.72
C ASP A 17 -5.99 -16.87 -5.24
N ALA A 18 -6.33 -17.50 -6.36
CA ALA A 18 -7.65 -17.34 -6.96
C ALA A 18 -8.70 -18.26 -6.34
N ILE A 19 -8.32 -19.15 -5.43
CA ILE A 19 -9.24 -20.11 -4.84
C ILE A 19 -9.43 -19.86 -3.34
N LYS A 20 -8.36 -19.45 -2.64
CA LYS A 20 -8.33 -19.57 -1.19
C LYS A 20 -9.40 -18.74 -0.50
N ASP A 21 -9.77 -17.59 -1.07
CA ASP A 21 -10.80 -16.76 -0.46
C ASP A 21 -12.19 -17.29 -0.74
N LEU A 22 -12.33 -18.23 -1.69
CA LEU A 22 -13.61 -18.86 -1.96
C LEU A 22 -13.78 -20.16 -1.17
N VAL A 23 -12.75 -21.01 -1.17
CA VAL A 23 -12.77 -22.27 -0.44
C VAL A 23 -11.39 -22.42 0.19
N GLN A 24 -11.33 -22.60 1.52
CA GLN A 24 -10.01 -22.59 2.16
C GLN A 24 -9.32 -23.95 2.09
N ASP A 25 -10.03 -25.04 2.38
CA ASP A 25 -9.42 -26.36 2.44
C ASP A 25 -9.88 -27.17 1.24
N CYS A 26 -8.92 -27.61 0.41
CA CYS A 26 -9.25 -28.27 -0.84
C CYS A 26 -8.47 -29.57 -1.02
N ASN A 27 -9.10 -30.52 -1.70
CA ASN A 27 -8.43 -31.74 -2.14
C ASN A 27 -7.90 -31.55 -3.56
N PHE A 28 -6.60 -31.72 -3.73
CA PHE A 28 -5.98 -31.80 -5.04
C PHE A 28 -5.95 -33.27 -5.46
N ASP A 29 -6.80 -33.64 -6.40
CA ASP A 29 -6.88 -35.01 -6.89
C ASP A 29 -5.88 -35.21 -8.02
N CYS A 30 -4.92 -36.09 -7.82
CA CYS A 30 -3.83 -36.31 -8.77
C CYS A 30 -4.00 -37.68 -9.41
N ASN A 31 -3.98 -37.69 -10.75
CA ASN A 31 -4.08 -38.91 -11.55
C ASN A 31 -3.26 -38.71 -12.82
N ASP A 32 -3.34 -39.69 -13.72
CA ASP A 32 -2.55 -39.63 -14.96
C ASP A 32 -2.91 -38.41 -15.81
N SER A 33 -4.14 -37.91 -15.70
CA SER A 33 -4.51 -36.73 -16.46
C SER A 33 -3.89 -35.45 -15.91
N GLY A 34 -3.48 -35.46 -14.64
CA GLY A 34 -2.93 -34.26 -14.03
C GLY A 34 -3.47 -34.01 -12.63
N ILE A 35 -3.56 -32.75 -12.25
CA ILE A 35 -4.03 -32.37 -10.92
C ILE A 35 -5.33 -31.58 -11.07
N ALA A 36 -6.41 -32.10 -10.51
CA ALA A 36 -7.72 -31.47 -10.59
C ALA A 36 -8.20 -31.08 -9.21
N LEU A 37 -9.22 -30.25 -9.18
CA LEU A 37 -9.77 -29.76 -7.92
C LEU A 37 -11.22 -29.35 -8.16
N GLN A 38 -12.10 -29.72 -7.24
CA GLN A 38 -13.46 -29.22 -7.27
C GLN A 38 -13.95 -29.02 -5.84
N ALA A 39 -14.50 -27.85 -5.57
CA ALA A 39 -14.92 -27.54 -4.21
C ALA A 39 -16.01 -26.49 -4.22
N MET A 40 -17.00 -26.67 -3.36
CA MET A 40 -18.03 -25.68 -3.14
C MET A 40 -17.66 -24.79 -1.95
N ASP A 41 -18.15 -23.56 -1.97
CA ASP A 41 -17.96 -22.71 -0.80
C ASP A 41 -18.84 -23.21 0.34
N ASN A 42 -18.62 -22.64 1.54
CA ASN A 42 -19.32 -23.09 2.72
C ASN A 42 -20.83 -22.90 2.60
N SER A 43 -21.27 -21.93 1.79
CA SER A 43 -22.69 -21.69 1.58
C SER A 43 -23.26 -22.50 0.42
N HIS A 44 -22.42 -23.24 -0.30
CA HIS A 44 -22.86 -24.07 -1.44
C HIS A 44 -23.49 -23.22 -2.54
N VAL A 45 -23.04 -21.96 -2.66
CA VAL A 45 -23.58 -21.02 -3.64
C VAL A 45 -22.70 -21.03 -4.88
N ALA A 46 -21.40 -21.22 -4.69
CA ALA A 46 -20.43 -21.21 -5.79
C ALA A 46 -19.63 -22.50 -5.77
N LEU A 47 -19.07 -22.84 -6.93
CA LEU A 47 -18.26 -24.05 -7.08
C LEU A 47 -17.04 -23.73 -7.94
N VAL A 48 -15.86 -24.14 -7.48
CA VAL A 48 -14.63 -23.96 -8.22
C VAL A 48 -14.20 -25.31 -8.77
N SER A 49 -13.78 -25.31 -10.04
CA SER A 49 -13.31 -26.51 -10.73
C SER A 49 -12.04 -26.15 -11.49
N MET A 50 -10.91 -26.66 -11.02
CA MET A 50 -9.60 -26.40 -11.62
C MET A 50 -9.06 -27.69 -12.23
N LEU A 51 -8.42 -27.55 -13.40
CA LEU A 51 -7.65 -28.64 -13.99
C LEU A 51 -6.30 -28.09 -14.44
N LEU A 52 -5.23 -28.65 -13.90
CA LEU A 52 -3.86 -28.47 -14.37
C LEU A 52 -3.49 -29.77 -15.08
N LYS A 53 -3.48 -29.73 -16.41
CA LYS A 53 -3.23 -30.91 -17.21
C LYS A 53 -1.78 -31.36 -17.06
N ALA A 54 -1.58 -32.67 -17.11
CA ALA A 54 -0.23 -33.24 -17.05
C ALA A 54 0.67 -32.67 -18.12
N GLU A 55 0.10 -32.20 -19.24
CA GLU A 55 0.91 -31.62 -20.31
C GLU A 55 1.62 -30.34 -19.88
N GLY A 56 1.06 -29.63 -18.91
CA GLY A 56 1.63 -28.36 -18.49
C GLY A 56 2.84 -28.46 -17.59
N PHE A 57 3.22 -29.66 -17.19
CA PHE A 57 4.35 -29.88 -16.30
C PHE A 57 5.56 -30.33 -17.11
N SER A 58 6.76 -29.95 -16.66
CA SER A 58 7.96 -30.36 -17.36
C SER A 58 8.32 -31.81 -17.03
N ALA A 59 7.64 -32.38 -16.04
CA ALA A 59 7.77 -33.79 -15.70
C ALA A 59 6.58 -34.10 -14.80
N TYR A 60 5.58 -34.79 -15.34
CA TYR A 60 4.43 -35.21 -14.54
C TYR A 60 4.41 -36.72 -14.47
N ARG A 61 4.35 -37.23 -13.24
CA ARG A 61 4.39 -38.67 -13.01
C ARG A 61 3.51 -38.96 -11.81
N CYS A 62 2.59 -39.90 -11.95
CA CYS A 62 1.67 -40.26 -10.87
C CYS A 62 1.40 -41.75 -10.97
N ASP A 63 1.98 -42.52 -10.06
CA ASP A 63 1.85 -43.96 -10.16
C ASP A 63 0.51 -44.43 -9.62
N ARG A 64 -0.07 -43.67 -8.70
CA ARG A 64 -1.27 -44.05 -7.98
C ARG A 64 -2.08 -42.78 -7.69
N ASN A 65 -3.40 -42.87 -7.89
CA ASN A 65 -4.26 -41.71 -7.63
C ASN A 65 -4.14 -41.28 -6.18
N ILE A 66 -4.12 -39.97 -5.96
CA ILE A 66 -4.01 -39.51 -4.58
C ILE A 66 -4.77 -38.21 -4.41
N ALA A 67 -5.51 -38.11 -3.30
CA ALA A 67 -6.17 -36.88 -2.91
C ALA A 67 -5.30 -36.20 -1.86
N LEU A 68 -4.74 -35.04 -2.20
CA LEU A 68 -3.92 -34.26 -1.28
C LEU A 68 -4.81 -33.21 -0.63
N GLY A 69 -5.17 -33.44 0.64
CA GLY A 69 -5.95 -32.47 1.37
C GLY A 69 -5.07 -31.36 1.91
N ILE A 70 -5.27 -30.13 1.43
CA ILE A 70 -4.37 -29.03 1.75
C ILE A 70 -5.20 -27.83 2.23
N ASN A 71 -4.76 -27.23 3.34
CA ASN A 71 -5.22 -25.93 3.78
C ASN A 71 -4.53 -24.88 2.91
N LEU A 72 -5.31 -24.15 2.11
CA LEU A 72 -4.71 -23.25 1.14
C LEU A 72 -4.05 -22.04 1.78
N VAL A 73 -4.39 -21.71 3.03
CA VAL A 73 -3.70 -20.62 3.72
C VAL A 73 -2.26 -21.00 4.01
N SER A 74 -2.05 -22.20 4.56
CA SER A 74 -0.71 -22.71 4.76
C SER A 74 0.03 -22.82 3.42
N LEU A 75 -0.66 -23.27 2.38
CA LEU A 75 -0.04 -23.39 1.07
C LEU A 75 0.41 -22.02 0.55
N THR A 76 -0.37 -20.98 0.78
CA THR A 76 0.05 -19.64 0.39
C THR A 76 1.25 -19.18 1.20
N LYS A 77 1.24 -19.43 2.52
CA LYS A 77 2.41 -19.11 3.32
C LYS A 77 3.66 -19.74 2.74
N VAL A 78 3.58 -20.99 2.31
CA VAL A 78 4.77 -21.66 1.79
C VAL A 78 5.10 -21.17 0.38
N LEU A 79 4.09 -20.91 -0.45
CA LEU A 79 4.32 -20.53 -1.84
C LEU A 79 4.84 -19.10 -1.96
N ARG A 80 4.63 -18.27 -0.93
CA ARG A 80 5.22 -16.94 -0.92
C ARG A 80 6.74 -16.99 -0.95
N ALA A 81 7.33 -18.11 -0.50
CA ALA A 81 8.77 -18.28 -0.44
C ALA A 81 9.39 -18.66 -1.79
N ALA A 82 8.60 -18.67 -2.86
CA ALA A 82 9.09 -18.98 -4.19
C ALA A 82 8.81 -17.80 -5.12
N GLN A 83 9.81 -17.36 -5.85
CA GLN A 83 9.57 -16.31 -6.83
C GLN A 83 8.85 -16.89 -8.04
N ASN A 84 8.20 -16.00 -8.80
CA ASN A 84 7.38 -16.41 -9.93
C ASN A 84 8.13 -17.26 -10.94
N GLU A 85 9.44 -17.07 -11.06
CA GLU A 85 10.24 -17.75 -12.07
C GLU A 85 11.01 -18.95 -11.53
N ASP A 86 10.69 -19.39 -10.32
CA ASP A 86 11.37 -20.55 -9.74
C ASP A 86 10.83 -21.85 -10.33
N ILE A 87 11.73 -22.81 -10.51
CA ILE A 87 11.33 -24.16 -10.90
C ILE A 87 10.76 -24.86 -9.68
N LEU A 88 9.52 -25.33 -9.79
CA LEU A 88 8.78 -25.86 -8.65
C LEU A 88 8.56 -27.35 -8.86
N THR A 89 8.71 -28.14 -7.79
CA THR A 89 8.49 -29.58 -7.86
C THR A 89 7.64 -30.03 -6.68
N LEU A 90 6.53 -30.70 -6.98
CA LEU A 90 5.69 -31.38 -6.00
C LEU A 90 6.04 -32.86 -5.97
N LYS A 91 6.11 -33.42 -4.77
CA LYS A 91 6.29 -34.85 -4.60
C LYS A 91 5.39 -35.37 -3.49
N ALA A 92 4.95 -36.61 -3.66
CA ALA A 92 4.13 -37.30 -2.66
C ALA A 92 4.27 -38.79 -2.87
N ASP A 93 4.08 -39.55 -1.79
CA ASP A 93 4.18 -41.00 -1.85
C ASP A 93 2.80 -41.64 -1.96
N ASP A 94 2.67 -42.87 -1.46
CA ASP A 94 1.46 -43.66 -1.65
C ASP A 94 0.40 -43.32 -0.59
N SER A 95 0.77 -43.46 0.69
CA SER A 95 -0.08 -43.02 1.78
C SER A 95 0.54 -41.81 2.47
N PRO A 96 0.47 -40.63 1.86
CA PRO A 96 1.24 -39.49 2.33
C PRO A 96 0.61 -38.80 3.54
N ASP A 97 1.48 -38.29 4.40
CA ASP A 97 1.10 -37.37 5.46
C ASP A 97 1.47 -35.93 5.14
N ALA A 98 2.27 -35.71 4.09
CA ALA A 98 2.73 -34.39 3.74
C ALA A 98 3.05 -34.33 2.25
N VAL A 99 3.07 -33.13 1.72
CA VAL A 99 3.43 -32.84 0.34
C VAL A 99 4.79 -32.13 0.34
N ASN A 100 5.68 -32.57 -0.53
CA ASN A 100 7.03 -32.03 -0.62
C ASN A 100 7.10 -31.01 -1.75
N LEU A 101 7.53 -29.80 -1.41
CA LEU A 101 7.69 -28.68 -2.33
C LEU A 101 9.16 -28.34 -2.46
N MET A 102 9.63 -28.19 -3.68
CA MET A 102 11.01 -27.81 -3.92
C MET A 102 11.07 -26.66 -4.91
N PHE A 103 11.71 -25.57 -4.51
CA PHE A 103 11.92 -24.39 -5.34
C PHE A 103 13.39 -24.28 -5.68
N GLU A 104 13.70 -24.19 -6.97
CA GLU A 104 15.06 -24.05 -7.45
C GLU A 104 15.14 -22.81 -8.33
N SER A 105 16.20 -22.03 -8.15
CA SER A 105 16.41 -20.81 -8.92
C SER A 105 17.61 -20.96 -9.83
N ALA A 106 17.63 -20.20 -10.91
CA ALA A 106 18.73 -20.22 -11.86
C ALA A 106 19.77 -19.19 -11.48
N GLU A 107 21.03 -19.52 -11.79
CA GLU A 107 22.18 -18.64 -11.54
C GLU A 107 22.39 -18.33 -10.06
N THR A 108 21.90 -19.19 -9.17
CA THR A 108 22.01 -18.95 -7.73
C THR A 108 22.49 -20.18 -6.97
N ASP A 109 22.03 -21.37 -7.34
CA ASP A 109 22.24 -22.65 -6.65
C ASP A 109 21.52 -22.76 -5.31
N ARG A 110 20.60 -21.87 -4.99
CA ARG A 110 19.86 -21.97 -3.75
CA ARG A 110 19.85 -21.96 -3.75
C ARG A 110 18.62 -22.85 -3.96
N ILE A 111 18.43 -23.80 -3.05
CA ILE A 111 17.32 -24.75 -3.12
C ILE A 111 16.50 -24.61 -1.85
N SER A 112 15.18 -24.49 -2.02
CA SER A 112 14.26 -24.44 -0.89
C SER A 112 13.39 -25.69 -0.89
N GLU A 113 13.22 -26.28 0.29
CA GLU A 113 12.46 -27.51 0.43
C GLU A 113 11.49 -27.37 1.61
N TYR A 114 10.24 -27.74 1.38
CA TYR A 114 9.20 -27.63 2.38
C TYR A 114 8.35 -28.90 2.39
N ASP A 115 7.94 -29.34 3.57
CA ASP A 115 7.04 -30.48 3.72
C ASP A 115 5.78 -30.00 4.43
N ILE A 116 4.70 -29.77 3.69
CA ILE A 116 3.46 -29.29 4.29
C ILE A 116 2.61 -30.49 4.69
N LYS A 117 2.24 -30.54 5.96
CA LYS A 117 1.37 -31.62 6.44
C LYS A 117 0.02 -31.53 5.77
N LEU A 118 -0.49 -32.66 5.31
CA LEU A 118 -1.81 -32.73 4.71
C LEU A 118 -2.88 -32.86 5.78
N MET A 119 -4.12 -32.59 5.39
CA MET A 119 -5.26 -32.73 6.28
C MET A 119 -6.34 -33.54 5.58
N ASP A 120 -7.21 -34.14 6.39
CA ASP A 120 -8.30 -34.96 5.88
C ASP A 120 -9.50 -34.06 5.57
N ILE A 121 -9.93 -34.05 4.31
CA ILE A 121 -11.05 -33.23 3.87
C ILE A 121 -12.08 -34.10 3.16
N ASP A 122 -13.32 -34.01 3.60
CA ASP A 122 -14.42 -34.72 2.95
C ASP A 122 -15.15 -33.72 2.05
N GLN A 123 -14.74 -33.67 0.79
CA GLN A 123 -15.26 -32.71 -0.19
C GLN A 123 -16.33 -33.38 -1.04
N GLU A 124 -17.51 -32.77 -1.11
CA GLU A 124 -18.59 -33.29 -1.95
C GLU A 124 -18.42 -32.77 -3.37
N HIS A 125 -18.12 -33.67 -4.30
CA HIS A 125 -18.01 -33.31 -5.71
C HIS A 125 -19.36 -33.49 -6.41
N LEU A 126 -19.61 -32.63 -7.39
CA LEU A 126 -20.85 -32.63 -8.14
C LEU A 126 -20.57 -32.95 -9.60
N ALA A 127 -21.51 -33.66 -10.22
CA ALA A 127 -21.42 -33.98 -11.64
C ALA A 127 -21.99 -32.82 -12.45
N ILE A 128 -21.15 -32.22 -13.29
CA ILE A 128 -21.55 -31.09 -14.12
C ILE A 128 -21.54 -31.55 -15.56
N PRO A 129 -22.70 -31.75 -16.19
CA PRO A 129 -22.72 -32.19 -17.59
C PRO A 129 -22.30 -31.07 -18.53
N GLU A 130 -21.77 -31.47 -19.69
CA GLU A 130 -21.45 -30.50 -20.72
C GLU A 130 -22.73 -29.82 -21.18
N THR A 131 -22.70 -28.49 -21.21
CA THR A 131 -23.89 -27.69 -21.46
C THR A 131 -23.70 -26.83 -22.69
N GLU A 132 -24.78 -26.66 -23.44
CA GLU A 132 -24.86 -25.71 -24.54
C GLU A 132 -25.48 -24.42 -24.02
N TYR A 133 -24.66 -23.40 -23.84
CA TYR A 133 -25.10 -22.17 -23.19
C TYR A 133 -25.84 -21.26 -24.17
N ALA A 134 -26.86 -20.58 -23.67
CA ALA A 134 -27.61 -19.65 -24.51
C ALA A 134 -26.75 -18.47 -24.94
N ALA A 135 -25.78 -18.07 -24.11
CA ALA A 135 -24.92 -16.94 -24.42
C ALA A 135 -23.51 -17.20 -23.92
N THR A 136 -22.52 -16.83 -24.74
CA THR A 136 -21.11 -16.97 -24.40
C THR A 136 -20.42 -15.64 -24.71
N VAL A 137 -19.85 -15.02 -23.68
CA VAL A 137 -19.27 -13.69 -23.79
C VAL A 137 -17.79 -13.78 -23.44
N GLU A 138 -16.93 -13.40 -24.38
CA GLU A 138 -15.50 -13.33 -24.15
C GLU A 138 -15.11 -11.86 -24.01
N MET A 139 -14.47 -11.51 -22.89
CA MET A 139 -14.20 -10.11 -22.63
C MET A 139 -12.91 -10.00 -21.82
N PRO A 140 -12.27 -8.83 -21.80
CA PRO A 140 -11.06 -8.67 -20.99
C PRO A 140 -11.34 -8.92 -19.52
N SER A 141 -10.48 -9.74 -18.91
CA SER A 141 -10.65 -10.10 -17.50
C SER A 141 -10.55 -8.88 -16.59
N ALA A 142 -9.62 -7.97 -16.88
CA ALA A 142 -9.47 -6.77 -16.06
C ALA A 142 -10.72 -5.90 -16.13
N GLU A 143 -11.36 -5.83 -17.30
CA GLU A 143 -12.59 -5.04 -17.43
C GLU A 143 -13.71 -5.65 -16.60
N PHE A 144 -13.88 -6.98 -16.68
CA PHE A 144 -14.89 -7.65 -15.87
C PHE A 144 -14.64 -7.44 -14.38
N GLN A 145 -13.36 -7.51 -13.97
CA GLN A 145 -13.02 -7.30 -12.56
C GLN A 145 -13.35 -5.87 -12.12
N ARG A 146 -13.00 -4.88 -12.94
CA ARG A 146 -13.31 -3.49 -12.62
C ARG A 146 -14.82 -3.29 -12.49
N ILE A 147 -15.59 -3.83 -13.44
CA ILE A 147 -17.04 -3.70 -13.40
C ILE A 147 -17.58 -4.34 -12.11
N CYS A 148 -17.09 -5.53 -11.76
CA CYS A 148 -17.57 -6.22 -10.58
C CYS A 148 -17.29 -5.42 -9.32
N ARG A 149 -16.06 -4.90 -9.17
CA ARG A 149 -15.74 -4.09 -7.99
C ARG A 149 -16.62 -2.84 -7.94
N ASP A 150 -16.75 -2.14 -9.07
CA ASP A 150 -17.52 -0.90 -9.11
C ASP A 150 -18.96 -1.13 -8.68
N LEU A 151 -19.60 -2.16 -9.25
CA LEU A 151 -21.00 -2.42 -8.89
C LEU A 151 -21.12 -3.00 -7.49
N ASN A 152 -20.11 -3.76 -7.02
CA ASN A 152 -20.14 -4.29 -5.67
C ASN A 152 -20.08 -3.18 -4.63
N ALA A 153 -19.44 -2.06 -4.97
CA ALA A 153 -19.47 -0.91 -4.07
C ALA A 153 -20.87 -0.36 -3.89
N LEU A 154 -21.80 -0.66 -4.81
CA LEU A 154 -23.12 -0.03 -4.82
C LEU A 154 -24.26 -0.99 -4.52
N SER A 155 -24.06 -2.30 -4.62
CA SER A 155 -25.20 -3.22 -4.56
C SER A 155 -24.72 -4.60 -4.15
N GLU A 156 -25.69 -5.42 -3.72
CA GLU A 156 -25.44 -6.81 -3.39
C GLU A 156 -25.60 -7.74 -4.60
N SER A 157 -26.32 -7.30 -5.61
CA SER A 157 -26.68 -8.14 -6.75
C SER A 157 -26.43 -7.41 -8.05
N VAL A 158 -26.19 -8.19 -9.11
CA VAL A 158 -26.00 -7.66 -10.45
C VAL A 158 -26.83 -8.51 -11.40
N VAL A 159 -27.54 -7.85 -12.31
CA VAL A 159 -28.23 -8.51 -13.41
C VAL A 159 -27.30 -8.49 -14.61
N ILE A 160 -26.98 -9.68 -15.12
CA ILE A 160 -26.21 -9.82 -16.34
C ILE A 160 -27.20 -10.24 -17.42
N GLU A 161 -27.29 -9.40 -18.44
CA GLU A 161 -28.31 -9.48 -19.45
C GLU A 161 -27.70 -9.29 -20.84
N ALA A 162 -27.74 -10.37 -21.61
CA ALA A 162 -27.08 -10.52 -22.91
C ALA A 162 -28.09 -10.56 -24.05
N THR A 163 -27.87 -9.68 -25.04
CA THR A 163 -28.61 -9.61 -26.29
C THR A 163 -27.58 -9.68 -27.42
N LYS A 164 -28.08 -9.77 -28.66
CA LYS A 164 -27.18 -9.88 -29.80
C LYS A 164 -26.26 -8.67 -29.93
N GLU A 165 -26.79 -7.49 -29.61
CA GLU A 165 -25.98 -6.27 -29.72
C GLU A 165 -24.84 -6.26 -28.71
N GLY A 166 -25.13 -6.55 -27.44
CA GLY A 166 -24.09 -6.47 -26.43
C GLY A 166 -24.58 -6.97 -25.08
N VAL A 167 -23.77 -6.68 -24.06
CA VAL A 167 -24.00 -7.21 -22.71
C VAL A 167 -24.14 -6.05 -21.71
N LYS A 168 -25.20 -6.11 -20.91
CA LYS A 168 -25.50 -5.11 -19.90
C LYS A 168 -25.36 -5.72 -18.50
N PHE A 169 -24.58 -5.06 -17.64
CA PHE A 169 -24.51 -5.36 -16.21
C PHE A 169 -25.21 -4.24 -15.47
N SER A 170 -26.23 -4.56 -14.67
CA SER A 170 -27.00 -3.54 -13.99
C SER A 170 -27.16 -3.89 -12.51
N CYS A 171 -27.36 -2.86 -11.69
CA CYS A 171 -27.51 -3.08 -10.27
C CYS A 171 -28.38 -1.98 -9.66
N GLN A 172 -28.89 -2.27 -8.46
CA GLN A 172 -29.80 -1.40 -7.74
C GLN A 172 -29.43 -1.43 -6.26
N GLY A 173 -29.59 -0.28 -5.59
CA GLY A 173 -29.19 -0.23 -4.19
C GLY A 173 -29.66 1.04 -3.52
N ASP A 174 -29.24 1.18 -2.26
CA ASP A 174 -29.64 2.34 -1.46
C ASP A 174 -29.18 3.64 -2.09
N ILE A 175 -27.98 3.65 -2.67
CA ILE A 175 -27.46 4.87 -3.29
C ILE A 175 -28.23 5.21 -4.55
N GLY A 176 -28.72 4.20 -5.26
CA GLY A 176 -29.45 4.42 -6.50
C GLY A 176 -29.39 3.21 -7.41
N SER A 177 -29.21 3.45 -8.71
CA SER A 177 -29.16 2.38 -9.69
C SER A 177 -28.06 2.69 -10.69
N GLY A 178 -27.41 1.63 -11.17
CA GLY A 178 -26.31 1.79 -12.09
C GLY A 178 -26.29 0.70 -13.14
N SER A 179 -25.53 0.96 -14.21
CA SER A 179 -25.40 -0.01 -15.29
C SER A 179 -24.15 0.30 -16.10
N VAL A 180 -23.56 -0.76 -16.63
CA VAL A 180 -22.41 -0.70 -17.54
C VAL A 180 -22.75 -1.58 -18.73
N THR A 181 -22.71 -1.00 -19.93
CA THR A 181 -23.03 -1.71 -21.16
C THR A 181 -21.78 -1.81 -22.01
N ILE A 182 -21.46 -3.04 -22.43
CA ILE A 182 -20.34 -3.29 -23.32
C ILE A 182 -20.90 -3.74 -24.65
N ARG A 183 -20.32 -3.23 -25.72
CA ARG A 183 -20.72 -3.64 -27.04
C ARG A 183 -19.64 -4.53 -27.63
N GLN A 184 -20.08 -5.44 -28.49
CA GLN A 184 -19.16 -6.35 -29.14
C GLN A 184 -18.15 -5.56 -29.96
N HIS A 185 -16.87 -5.68 -29.60
CA HIS A 185 -15.83 -4.80 -30.12
C HIS A 185 -14.69 -5.66 -30.63
N THR A 186 -14.42 -5.56 -31.93
CA THR A 186 -13.34 -6.32 -32.56
C THR A 186 -12.33 -5.33 -33.13
N SER A 187 -11.26 -5.11 -32.37
CA SER A 187 -10.09 -4.37 -32.77
C SER A 187 -8.93 -5.35 -32.76
N VAL A 188 -7.96 -5.17 -33.65
CA VAL A 188 -6.77 -6.02 -33.57
C VAL A 188 -6.21 -5.95 -32.16
N ASP A 189 -6.24 -4.75 -31.57
CA ASP A 189 -5.89 -4.46 -30.17
C ASP A 189 -4.99 -5.50 -29.50
N LYS A 190 -5.59 -6.66 -29.15
CA LYS A 190 -5.09 -7.82 -28.43
C LYS A 190 -6.15 -8.29 -27.43
N PRO A 191 -5.99 -7.97 -26.15
CA PRO A 191 -6.94 -8.42 -25.13
C PRO A 191 -8.15 -7.51 -24.91
N GLU A 192 -8.32 -6.44 -25.69
CA GLU A 192 -9.52 -5.63 -25.68
C GLU A 192 -10.74 -6.27 -26.33
N GLN A 193 -10.62 -7.46 -26.91
CA GLN A 193 -11.73 -8.05 -27.64
C GLN A 193 -12.93 -8.33 -26.75
N ASN A 194 -14.12 -8.24 -27.34
CA ASN A 194 -15.38 -8.41 -26.63
C ASN A 194 -16.34 -9.05 -27.63
N SER A 196 -16.58 -10.36 -27.46
CA SER A 196 -17.35 -11.14 -28.42
C SER A 196 -18.52 -11.81 -27.72
N ILE A 197 -19.67 -11.83 -28.40
CA ILE A 197 -20.89 -12.43 -27.87
C ILE A 197 -21.44 -13.42 -28.88
N ALA A 198 -21.52 -14.69 -28.49
CA ALA A 198 -22.14 -15.74 -29.28
C ALA A 198 -23.47 -16.10 -28.60
N LEU A 199 -24.57 -15.79 -29.27
CA LEU A 199 -25.88 -15.82 -28.64
C LEU A 199 -26.92 -16.47 -29.54
N SER A 200 -27.57 -17.51 -29.02
CA SER A 200 -28.69 -18.17 -29.70
C SER A 200 -30.04 -17.59 -29.29
N GLU A 201 -30.13 -17.06 -28.07
CA GLU A 201 -31.36 -16.58 -27.46
C GLU A 201 -30.97 -15.60 -26.34
N PRO A 202 -31.69 -14.49 -26.20
CA PRO A 202 -31.30 -13.51 -25.15
C PRO A 202 -31.47 -14.11 -23.76
N VAL A 203 -30.67 -13.63 -22.81
CA VAL A 203 -30.70 -14.24 -21.49
C VAL A 203 -30.36 -13.19 -20.43
N ALA A 204 -31.10 -13.22 -19.31
CA ALA A 204 -30.90 -12.26 -18.22
C ALA A 204 -31.01 -12.98 -16.89
N LEU A 205 -29.93 -12.94 -16.09
CA LEU A 205 -29.87 -13.64 -14.81
C LEU A 205 -29.25 -12.73 -13.76
N THR A 206 -29.61 -12.95 -12.50
CA THR A 206 -29.12 -12.15 -11.38
C THR A 206 -28.17 -12.97 -10.52
N PHE A 207 -27.11 -12.32 -10.03
CA PHE A 207 -26.05 -12.99 -9.30
C PHE A 207 -25.52 -12.11 -8.18
N SER A 208 -24.89 -12.76 -7.19
CA SER A 208 -24.28 -12.06 -6.07
C SER A 208 -22.95 -11.46 -6.48
N LEU A 209 -22.78 -10.16 -6.17
CA LEU A 209 -21.57 -9.46 -6.60
C LEU A 209 -20.35 -9.84 -5.79
N LYS A 210 -20.52 -10.17 -4.50
CA LYS A 210 -19.36 -10.55 -3.69
C LYS A 210 -18.70 -11.81 -4.23
N TYR A 211 -19.51 -12.78 -4.68
CA TYR A 211 -18.95 -13.99 -5.27
C TYR A 211 -18.22 -13.68 -6.57
N LEU A 212 -18.77 -12.80 -7.39
CA LEU A 212 -18.10 -12.43 -8.64
C LEU A 212 -16.78 -11.71 -8.36
N VAL A 213 -16.75 -10.86 -7.35
CA VAL A 213 -15.50 -10.19 -6.97
C VAL A 213 -14.47 -11.22 -6.52
N ASN A 214 -14.92 -12.23 -5.77
CA ASN A 214 -14.01 -13.32 -5.41
C ASN A 214 -13.52 -14.06 -6.65
N PHE A 215 -14.42 -14.31 -7.61
CA PHE A 215 -14.03 -14.95 -8.86
C PHE A 215 -12.93 -14.18 -9.56
N CYS A 216 -13.05 -12.85 -9.58
CA CYS A 216 -12.14 -12.00 -10.34
C CYS A 216 -10.73 -11.98 -9.79
N LYS A 217 -10.47 -12.62 -8.65
CA LYS A 217 -9.11 -12.78 -8.17
C LYS A 217 -8.28 -13.73 -9.04
N ALA A 218 -8.89 -14.34 -10.05
CA ALA A 218 -8.18 -15.12 -11.05
C ALA A 218 -7.74 -14.28 -12.25
N THR A 219 -7.93 -12.96 -12.19
CA THR A 219 -7.59 -12.09 -13.32
C THR A 219 -6.14 -12.24 -13.75
N SER A 220 -5.23 -12.47 -12.80
CA SER A 220 -3.81 -12.59 -13.12
C SER A 220 -3.48 -13.83 -13.94
N LEU A 221 -4.41 -14.75 -14.10
CA LEU A 221 -4.15 -15.99 -14.83
C LEU A 221 -4.36 -15.86 -16.33
N SER A 222 -5.12 -14.86 -16.78
CA SER A 222 -5.40 -14.70 -18.19
C SER A 222 -5.97 -13.31 -18.44
N SER A 223 -5.60 -12.73 -19.59
CA SER A 223 -6.16 -11.44 -19.99
C SER A 223 -7.60 -11.54 -20.47
N LYS A 224 -8.15 -12.75 -20.56
CA LYS A 224 -9.47 -12.98 -21.11
C LYS A 224 -10.30 -13.79 -20.12
N VAL A 225 -11.59 -13.48 -20.06
CA VAL A 225 -12.54 -14.23 -19.23
C VAL A 225 -13.73 -14.56 -20.10
N THR A 226 -14.33 -15.72 -19.84
CA THR A 226 -15.52 -16.16 -20.57
C THR A 226 -16.69 -16.34 -19.61
N LEU A 227 -17.81 -15.69 -19.93
CA LEU A 227 -19.04 -15.81 -19.17
C LEU A 227 -20.04 -16.62 -20.00
N CYS A 228 -20.53 -17.71 -19.44
CA CYS A 228 -21.46 -18.61 -20.09
C CYS A 228 -22.76 -18.60 -19.31
N LEU A 229 -23.85 -18.25 -19.99
CA LEU A 229 -25.15 -18.07 -19.35
C LEU A 229 -26.23 -18.82 -20.12
N SER A 230 -27.14 -19.43 -19.36
CA SER A 230 -28.42 -19.87 -19.88
C SER A 230 -29.40 -19.91 -18.71
N GLN A 231 -30.69 -19.88 -19.03
CA GLN A 231 -31.71 -19.52 -18.05
C GLN A 231 -31.78 -20.50 -16.87
N GLU A 232 -31.53 -21.78 -17.09
CA GLU A 232 -31.85 -22.79 -16.09
C GLU A 232 -30.65 -23.36 -15.35
N VAL A 233 -29.46 -22.84 -15.58
CA VAL A 233 -28.25 -23.39 -14.95
C VAL A 233 -27.40 -22.25 -14.42
N PRO A 234 -26.50 -22.53 -13.46
CA PRO A 234 -25.62 -21.48 -12.93
C PRO A 234 -24.74 -20.85 -14.00
N LEU A 235 -24.31 -19.63 -13.71
CA LEU A 235 -23.35 -18.92 -14.55
C LEU A 235 -21.98 -19.60 -14.48
N LEU A 236 -21.30 -19.65 -15.63
CA LEU A 236 -19.94 -20.16 -15.68
C LEU A 236 -18.99 -19.00 -16.01
N VAL A 237 -17.96 -18.85 -15.18
CA VAL A 237 -16.93 -17.84 -15.38
C VAL A 237 -15.62 -18.60 -15.51
N GLU A 238 -15.05 -18.59 -16.72
CA GLU A 238 -13.94 -19.46 -17.06
C GLU A 238 -12.71 -18.63 -17.39
N TYR A 239 -11.58 -19.00 -16.81
CA TYR A 239 -10.27 -18.45 -17.11
C TYR A 239 -9.41 -19.56 -17.68
N GLY A 240 -8.92 -19.34 -18.90
CA GLY A 240 -8.04 -20.32 -19.51
C GLY A 240 -6.63 -20.24 -18.91
N LEU A 241 -6.03 -21.41 -18.74
CA LEU A 241 -4.75 -21.52 -18.06
C LEU A 241 -3.59 -21.83 -19.00
N GLY A 242 -3.87 -22.31 -20.21
CA GLY A 242 -2.84 -22.77 -21.10
C GLY A 242 -2.71 -24.26 -20.90
N SER A 243 -2.70 -24.63 -19.66
CA SER A 243 -2.54 -25.99 -19.21
C SER A 243 -3.87 -26.70 -18.94
N GLY A 244 -4.99 -26.07 -19.23
CA GLY A 244 -6.22 -26.56 -18.64
C GLY A 244 -7.01 -25.31 -18.30
N HIS A 245 -7.66 -25.29 -17.14
CA HIS A 245 -8.61 -24.20 -16.91
C HIS A 245 -8.89 -24.01 -15.44
N LEU A 246 -9.47 -22.85 -15.13
CA LEU A 246 -10.04 -22.57 -13.82
C LEU A 246 -11.44 -22.02 -14.03
N ARG A 247 -12.45 -22.76 -13.57
CA ARG A 247 -13.85 -22.42 -13.76
C ARG A 247 -14.51 -22.13 -12.42
N PHE A 248 -15.35 -21.09 -12.40
CA PHE A 248 -16.19 -20.79 -11.26
C PHE A 248 -17.65 -20.88 -11.72
N TYR A 249 -18.48 -21.52 -10.90
CA TYR A 249 -19.90 -21.65 -11.16
C TYR A 249 -20.65 -20.90 -10.07
N LEU A 250 -21.66 -20.13 -10.47
CA LEU A 250 -22.41 -19.29 -9.54
C LEU A 250 -23.90 -19.53 -9.75
N ALA A 251 -24.57 -20.00 -8.70
CA ALA A 251 -26.00 -20.20 -8.77
C ALA A 251 -26.72 -18.85 -8.75
N PRO A 252 -27.80 -18.70 -9.52
CA PRO A 252 -28.44 -17.39 -9.65
C PRO A 252 -29.34 -17.06 -8.48
N LYS A 253 -29.74 -15.80 -8.43
CA LYS A 253 -30.79 -15.33 -7.53
C LYS A 253 -32.11 -15.30 -8.29
N ILE A 254 -33.17 -15.77 -7.64
CA ILE A 254 -34.45 -16.05 -8.30
C ILE A 254 -35.57 -15.32 -7.59
N GLY A 255 -36.53 -14.81 -8.37
CA GLY A 255 -37.74 -14.27 -7.80
C GLY A 255 -37.62 -12.90 -7.18
N ASP A 256 -36.72 -12.06 -7.68
CA ASP A 256 -36.49 -10.74 -7.13
C ASP A 256 -37.77 -9.89 -7.12
N MET B 1 29.19 22.32 20.74
CA MET B 1 30.04 21.13 20.81
C MET B 1 30.07 20.33 19.54
N LEU B 2 28.93 19.72 19.26
CA LEU B 2 28.82 18.74 18.20
C LEU B 2 28.16 19.36 16.98
N GLU B 3 28.81 19.19 15.83
CA GLU B 3 28.25 19.58 14.54
C GLU B 3 28.70 18.54 13.53
N ALA B 4 27.75 17.74 13.04
CA ALA B 4 28.04 16.63 12.14
C ALA B 4 27.13 16.74 10.93
N ARG B 5 27.71 16.75 9.74
CA ARG B 5 26.97 17.03 8.51
C ARG B 5 26.99 15.78 7.63
N LEU B 6 25.80 15.25 7.35
CA LEU B 6 25.58 14.13 6.46
C LEU B 6 25.20 14.60 5.06
N GLU B 7 25.79 13.93 4.06
CA GLU B 7 25.63 14.31 2.66
C GLU B 7 24.23 14.02 2.16
N GLN B 8 23.73 12.81 2.46
CA GLN B 8 22.38 12.41 2.10
C GLN B 8 21.73 12.15 3.46
N ALA B 9 20.58 12.77 3.75
CA ALA B 9 19.97 12.43 5.02
C ALA B 9 19.60 10.95 5.08
N SER B 10 19.62 10.25 3.94
CA SER B 10 19.17 8.86 3.87
C SER B 10 19.91 7.94 4.85
N LEU B 11 21.23 8.07 4.97
CA LEU B 11 22.01 7.16 5.81
C LEU B 11 21.45 7.09 7.23
N LEU B 12 21.21 8.25 7.84
CA LEU B 12 20.71 8.28 9.21
C LEU B 12 19.32 7.67 9.29
N LYS B 13 18.47 7.96 8.30
CA LYS B 13 17.12 7.40 8.29
C LYS B 13 17.15 5.88 8.24
N ARG B 14 17.94 5.32 7.31
CA ARG B 14 18.10 3.87 7.25
C ARG B 14 18.58 3.31 8.57
N VAL B 15 19.60 3.93 9.17
CA VAL B 15 20.15 3.40 10.42
C VAL B 15 19.10 3.38 11.52
N VAL B 16 18.40 4.50 11.70
CA VAL B 16 17.38 4.58 12.74
C VAL B 16 16.28 3.55 12.49
N ASP B 17 15.83 3.41 11.24
CA ASP B 17 14.84 2.40 10.93
C ASP B 17 15.37 0.99 11.18
N ALA B 18 16.67 0.79 11.04
CA ALA B 18 17.28 -0.50 11.26
C ALA B 18 17.56 -0.79 12.73
N ILE B 19 17.35 0.18 13.61
CA ILE B 19 17.59 -0.01 15.04
C ILE B 19 16.31 0.04 15.85
N LYS B 20 15.35 0.88 15.44
CA LYS B 20 14.27 1.29 16.35
C LYS B 20 13.39 0.13 16.79
N ASP B 21 13.18 -0.87 15.93
CA ASP B 21 12.30 -1.97 16.31
C ASP B 21 12.96 -2.98 17.24
N LEU B 22 14.29 -2.92 17.40
CA LEU B 22 14.97 -3.78 18.37
C LEU B 22 15.15 -3.07 19.71
N VAL B 23 15.57 -1.80 19.67
CA VAL B 23 15.75 -0.97 20.86
C VAL B 23 15.17 0.40 20.55
N GLN B 24 14.25 0.87 21.41
CA GLN B 24 13.55 2.13 21.13
C GLN B 24 14.37 3.34 21.58
N ASP B 25 14.93 3.28 22.78
CA ASP B 25 15.66 4.41 23.36
C ASP B 25 17.14 4.07 23.37
N CYS B 26 17.95 4.89 22.70
CA CYS B 26 19.38 4.60 22.56
C CYS B 26 20.20 5.84 22.86
N ASN B 27 21.40 5.61 23.39
CA ASN B 27 22.40 6.66 23.56
C ASN B 27 23.31 6.68 22.34
N PHE B 28 23.36 7.82 21.66
CA PHE B 28 24.36 8.06 20.63
C PHE B 28 25.58 8.70 21.29
N ASP B 29 26.65 7.92 21.44
CA ASP B 29 27.88 8.39 22.06
C ASP B 29 28.74 9.05 20.99
N CYS B 30 29.01 10.34 21.14
CA CYS B 30 29.73 11.13 20.15
C CYS B 30 31.09 11.49 20.70
N ASN B 31 32.12 11.21 19.90
CA ASN B 31 33.50 11.52 20.26
C ASN B 31 34.26 11.85 18.97
N ASP B 32 35.58 12.03 19.10
CA ASP B 32 36.39 12.40 17.94
C ASP B 32 36.35 11.32 16.87
N SER B 33 36.12 10.06 17.25
CA SER B 33 36.03 8.99 16.26
C SER B 33 34.74 9.05 15.47
N GLY B 34 33.70 9.69 16.00
CA GLY B 34 32.42 9.72 15.32
C GLY B 34 31.25 9.48 16.25
N ILE B 35 30.18 8.89 15.74
CA ILE B 35 28.97 8.63 16.51
C ILE B 35 28.79 7.12 16.62
N ALA B 36 28.82 6.60 17.85
CA ALA B 36 28.70 5.18 18.11
C ALA B 36 27.45 4.92 18.91
N LEU B 37 27.07 3.64 18.96
CA LEU B 37 25.88 3.21 19.66
C LEU B 37 26.04 1.75 20.05
N GLN B 38 25.65 1.42 21.27
CA GLN B 38 25.55 0.02 21.67
C GLN B 38 24.37 -0.12 22.61
N ALA B 39 23.49 -1.09 22.31
CA ALA B 39 22.30 -1.25 23.13
C ALA B 39 21.77 -2.67 23.01
N MET B 40 21.35 -3.24 24.12
CA MET B 40 20.67 -4.52 24.14
C MET B 40 19.16 -4.29 24.12
N ASP B 41 18.43 -5.28 23.62
CA ASP B 41 16.98 -5.19 23.76
C ASP B 41 16.61 -5.43 25.22
N ASN B 42 15.32 -5.21 25.52
CA ASN B 42 14.87 -5.32 26.91
C ASN B 42 15.05 -6.72 27.46
N SER B 43 15.07 -7.73 26.60
CA SER B 43 15.27 -9.11 27.03
C SER B 43 16.73 -9.52 27.10
N HIS B 44 17.66 -8.65 26.68
CA HIS B 44 19.10 -8.93 26.70
C HIS B 44 19.45 -10.14 25.83
N VAL B 45 18.68 -10.35 24.76
CA VAL B 45 18.88 -11.48 23.87
C VAL B 45 19.73 -11.04 22.68
N ALA B 46 19.56 -9.78 22.26
CA ALA B 46 20.27 -9.24 21.11
C ALA B 46 20.99 -7.96 21.51
N LEU B 47 22.02 -7.62 20.73
CA LEU B 47 22.83 -6.43 20.98
C LEU B 47 23.13 -5.73 19.67
N VAL B 48 22.92 -4.42 19.63
CA VAL B 48 23.22 -3.60 18.46
C VAL B 48 24.47 -2.78 18.73
N SER B 49 25.37 -2.74 17.75
CA SER B 49 26.61 -1.98 17.82
C SER B 49 26.80 -1.24 16.51
N MET B 50 26.62 0.09 16.55
CA MET B 50 26.74 0.94 15.38
C MET B 50 27.94 1.87 15.51
N LEU B 51 28.65 2.09 14.41
CA LEU B 51 29.66 3.13 14.32
C LEU B 51 29.47 3.89 13.03
N LEU B 52 29.27 5.21 13.14
CA LEU B 52 29.33 6.14 12.01
C LEU B 52 30.62 6.93 12.17
N LYS B 53 31.61 6.61 11.33
CA LYS B 53 32.93 7.21 11.45
C LYS B 53 32.89 8.68 11.10
N ALA B 54 33.73 9.46 11.80
CA ALA B 54 33.83 10.90 11.54
C ALA B 54 34.20 11.20 10.09
N GLU B 55 34.90 10.29 9.42
CA GLU B 55 35.28 10.54 8.03
C GLU B 55 34.07 10.61 7.11
N GLY B 56 32.96 9.97 7.49
CA GLY B 56 31.79 9.95 6.65
C GLY B 56 30.96 11.22 6.64
N PHE B 57 31.29 12.20 7.49
CA PHE B 57 30.53 13.43 7.56
C PHE B 57 31.28 14.54 6.82
N SER B 58 30.51 15.38 6.11
CA SER B 58 31.06 16.53 5.39
C SER B 58 31.20 17.74 6.32
N ALA B 59 32.03 17.52 7.34
CA ALA B 59 32.43 18.40 8.44
C ALA B 59 31.94 17.76 9.73
N TYR B 60 32.85 17.15 10.47
CA TYR B 60 32.54 16.55 11.75
C TYR B 60 33.31 17.28 12.83
N ARG B 61 32.61 17.69 13.88
CA ARG B 61 33.22 18.43 14.97
C ARG B 61 32.57 17.97 16.26
N CYS B 62 33.41 17.56 17.20
CA CYS B 62 32.94 17.07 18.50
C CYS B 62 34.02 17.49 19.49
N ASP B 63 33.74 18.52 20.28
CA ASP B 63 34.77 19.06 21.14
C ASP B 63 34.92 18.26 22.42
N ARG B 64 33.84 17.64 22.89
CA ARG B 64 33.80 16.90 24.15
C ARG B 64 32.86 15.72 23.96
N ASN B 65 33.24 14.56 24.47
CA ASN B 65 32.42 13.36 24.34
C ASN B 65 31.06 13.58 24.99
N ILE B 66 30.00 13.15 24.32
CA ILE B 66 28.65 13.31 24.89
C ILE B 66 27.73 12.20 24.39
N ALA B 67 26.89 11.71 25.31
CA ALA B 67 25.85 10.73 25.01
C ALA B 67 24.52 11.44 24.81
N LEU B 68 23.97 11.35 23.61
CA LEU B 68 22.67 11.91 23.28
C LEU B 68 21.63 10.81 23.44
N GLY B 69 20.84 10.88 24.52
CA GLY B 69 19.77 9.92 24.72
C GLY B 69 18.54 10.25 23.89
N ILE B 70 18.20 9.37 22.94
CA ILE B 70 17.16 9.67 21.96
C ILE B 70 16.16 8.52 21.90
N ASN B 71 14.88 8.86 21.94
CA ASN B 71 13.79 7.94 21.60
C ASN B 71 13.73 7.84 20.08
N LEU B 72 14.02 6.65 19.55
CA LEU B 72 14.14 6.50 18.10
C LEU B 72 12.81 6.60 17.37
N VAL B 73 11.68 6.41 18.06
CA VAL B 73 10.38 6.60 17.41
C VAL B 73 10.15 8.08 17.11
N SER B 74 10.38 8.93 18.12
CA SER B 74 10.33 10.37 17.90
C SER B 74 11.33 10.80 16.84
N LEU B 75 12.54 10.23 16.89
CA LEU B 75 13.56 10.55 15.90
C LEU B 75 13.10 10.17 14.50
N THR B 76 12.41 9.03 14.37
CA THR B 76 11.88 8.64 13.07
C THR B 76 10.80 9.61 12.60
N LYS B 77 9.89 10.00 13.50
CA LYS B 77 8.89 11.00 13.15
C LYS B 77 9.54 12.26 12.60
N VAL B 78 10.64 12.69 13.22
CA VAL B 78 11.30 13.91 12.76
C VAL B 78 12.06 13.67 11.47
N LEU B 79 12.67 12.50 11.32
CA LEU B 79 13.51 12.22 10.17
C LEU B 79 12.71 11.95 8.89
N ARG B 80 11.42 11.61 9.00
CA ARG B 80 10.61 11.44 7.80
C ARG B 80 10.46 12.75 7.05
N ALA B 81 10.63 13.87 7.74
CA ALA B 81 10.49 15.20 7.17
C ALA B 81 11.66 15.60 6.30
N ALA B 82 12.61 14.70 6.07
CA ALA B 82 13.74 14.99 5.19
C ALA B 82 13.75 13.96 4.05
N GLN B 83 13.85 14.40 2.81
CA GLN B 83 14.04 13.46 1.71
C GLN B 83 15.43 12.83 1.83
N ASN B 84 15.58 11.71 1.15
CA ASN B 84 16.84 10.97 1.19
C ASN B 84 18.03 11.85 0.79
N GLU B 85 17.80 12.86 -0.06
CA GLU B 85 18.90 13.65 -0.59
CA GLU B 85 18.85 13.69 -0.64
C GLU B 85 19.16 14.94 0.18
N ASP B 86 18.32 15.26 1.17
CA ASP B 86 18.53 16.47 1.97
C ASP B 86 19.90 16.46 2.63
N ILE B 87 20.50 17.65 2.70
CA ILE B 87 21.72 17.83 3.47
C ILE B 87 21.32 17.91 4.93
N LEU B 88 21.88 17.03 5.75
CA LEU B 88 21.45 16.89 7.14
C LEU B 88 22.56 17.35 8.06
N THR B 89 22.20 18.06 9.13
CA THR B 89 23.18 18.51 10.12
C THR B 89 22.66 18.21 11.52
N LEU B 90 23.45 17.49 12.31
CA LEU B 90 23.19 17.28 13.73
C LEU B 90 24.02 18.29 14.50
N LYS B 91 23.42 18.90 15.53
CA LYS B 91 24.14 19.77 16.44
C LYS B 91 23.71 19.55 17.86
N ALA B 92 24.67 19.79 18.77
CA ALA B 92 24.39 19.69 20.19
C ALA B 92 25.38 20.55 20.97
N ASP B 93 24.92 20.99 22.15
CA ASP B 93 25.70 21.84 23.03
C ASP B 93 26.40 21.09 24.16
N ASP B 94 26.62 21.76 25.30
CA ASP B 94 27.53 21.25 26.33
C ASP B 94 26.86 20.25 27.25
N SER B 95 25.84 20.67 27.96
CA SER B 95 24.99 19.78 28.74
C SER B 95 23.68 19.75 27.99
N PRO B 96 23.60 19.01 26.88
CA PRO B 96 22.47 19.21 25.97
C PRO B 96 21.19 18.62 26.55
N ASP B 97 20.10 19.35 26.33
CA ASP B 97 18.77 18.86 26.62
C ASP B 97 18.02 18.49 25.35
N ALA B 98 18.57 18.82 24.18
CA ALA B 98 17.93 18.54 22.91
C ALA B 98 19.00 18.45 21.84
N VAL B 99 18.65 17.76 20.75
CA VAL B 99 19.51 17.65 19.58
C VAL B 99 18.86 18.44 18.45
N ASN B 100 19.67 19.24 17.76
CA ASN B 100 19.18 20.08 16.67
C ASN B 100 19.45 19.40 15.34
N LEU B 101 18.40 19.21 14.54
CA LEU B 101 18.47 18.61 13.23
C LEU B 101 18.12 19.69 12.20
N MET B 102 18.93 19.82 11.15
CA MET B 102 18.64 20.79 10.11
C MET B 102 18.73 20.12 8.75
N PHE B 103 17.65 20.26 7.98
CA PHE B 103 17.52 19.72 6.64
C PHE B 103 17.52 20.85 5.63
N GLU B 104 18.42 20.75 4.64
CA GLU B 104 18.58 21.74 3.58
C GLU B 104 18.47 21.11 2.21
N SER B 105 17.75 21.79 1.32
CA SER B 105 17.57 21.38 -0.07
C SER B 105 18.20 22.41 -1.00
N ALA B 106 18.54 21.95 -2.20
CA ALA B 106 19.12 22.79 -3.23
C ALA B 106 18.02 23.39 -4.11
N GLU B 107 18.31 24.56 -4.69
CA GLU B 107 17.43 25.28 -5.59
C GLU B 107 16.14 25.75 -4.92
N THR B 108 16.13 25.86 -3.61
CA THR B 108 14.91 26.30 -2.93
C THR B 108 15.18 27.36 -1.88
N ASP B 109 16.26 27.22 -1.11
CA ASP B 109 16.54 28.05 0.05
C ASP B 109 15.48 27.84 1.13
N ARG B 110 14.89 26.64 1.13
CA ARG B 110 13.96 26.21 2.16
C ARG B 110 14.74 25.57 3.30
N ILE B 111 14.39 25.90 4.53
CA ILE B 111 15.13 25.50 5.71
C ILE B 111 14.20 24.73 6.63
N SER B 112 14.61 23.53 7.04
CA SER B 112 13.86 22.77 8.04
C SER B 112 14.73 22.62 9.28
N GLU B 113 14.17 22.91 10.44
CA GLU B 113 14.91 22.83 11.70
C GLU B 113 14.03 22.18 12.75
N TYR B 114 14.58 21.22 13.48
CA TYR B 114 13.86 20.52 14.52
C TYR B 114 14.75 20.39 15.75
N ASP B 115 14.17 20.56 16.93
CA ASP B 115 14.88 20.38 18.19
C ASP B 115 14.21 19.27 18.97
N ILE B 116 14.81 18.07 18.95
CA ILE B 116 14.24 16.92 19.62
C ILE B 116 14.74 16.87 21.04
N LYS B 117 13.82 16.84 22.00
CA LYS B 117 14.20 16.75 23.41
C LYS B 117 14.91 15.43 23.68
N LEU B 118 16.02 15.52 24.41
CA LEU B 118 16.75 14.33 24.79
C LEU B 118 16.13 13.70 26.02
N MET B 119 16.48 12.44 26.26
CA MET B 119 16.03 11.71 27.43
C MET B 119 17.23 11.06 28.09
N ASP B 120 17.09 10.78 29.39
CA ASP B 120 18.16 10.17 30.15
C ASP B 120 18.08 8.66 30.00
N ILE B 121 19.16 8.07 29.51
CA ILE B 121 19.27 6.63 29.30
C ILE B 121 20.51 6.16 30.05
N ASP B 122 20.34 5.12 30.85
CA ASP B 122 21.40 4.54 31.67
C ASP B 122 22.04 3.44 30.84
N GLN B 123 23.23 3.73 30.29
CA GLN B 123 23.83 2.86 29.29
C GLN B 123 24.64 1.76 29.94
N GLU B 124 24.19 0.53 29.76
CA GLU B 124 24.94 -0.67 30.11
C GLU B 124 25.61 -1.15 28.84
N HIS B 125 26.91 -0.92 28.73
CA HIS B 125 27.67 -1.41 27.60
C HIS B 125 28.41 -2.69 27.96
N LEU B 126 28.58 -3.56 26.98
CA LEU B 126 29.23 -4.85 27.18
C LEU B 126 30.54 -4.89 26.42
N ALA B 127 31.53 -5.56 26.99
CA ALA B 127 32.81 -5.71 26.35
C ALA B 127 32.77 -6.90 25.40
N ILE B 128 33.01 -6.63 24.12
CA ILE B 128 32.97 -7.66 23.08
C ILE B 128 34.39 -7.89 22.61
N PRO B 129 35.04 -8.99 22.99
CA PRO B 129 36.40 -9.24 22.54
C PRO B 129 36.44 -9.65 21.08
N GLU B 130 37.57 -9.36 20.43
CA GLU B 130 37.77 -9.81 19.05
C GLU B 130 37.80 -11.32 19.00
N THR B 131 37.01 -11.89 18.09
CA THR B 131 36.83 -13.33 18.01
C THR B 131 37.23 -13.82 16.63
N GLU B 132 37.84 -15.00 16.58
CA GLU B 132 38.09 -15.72 15.34
C GLU B 132 36.95 -16.70 15.13
N TYR B 133 36.06 -16.40 14.19
CA TYR B 133 34.84 -17.16 14.02
C TYR B 133 35.09 -18.43 13.22
N ALA B 134 34.39 -19.50 13.61
CA ALA B 134 34.51 -20.77 12.90
C ALA B 134 33.99 -20.68 11.46
N ALA B 135 33.02 -19.82 11.21
CA ALA B 135 32.44 -19.70 9.88
C ALA B 135 32.07 -18.24 9.60
N THR B 136 32.37 -17.81 8.38
CA THR B 136 32.06 -16.47 7.90
C THR B 136 31.39 -16.58 6.54
N VAL B 137 30.16 -16.07 6.45
CA VAL B 137 29.34 -16.20 5.25
C VAL B 137 29.02 -14.80 4.73
N GLU B 138 29.42 -14.54 3.50
CA GLU B 138 29.11 -13.29 2.81
C GLU B 138 28.00 -13.58 1.80
N MET B 139 26.88 -12.87 1.91
CA MET B 139 25.76 -13.21 1.05
C MET B 139 24.96 -11.93 0.77
N PRO B 140 24.13 -11.97 -0.28
CA PRO B 140 23.27 -10.79 -0.53
C PRO B 140 22.34 -10.55 0.64
N SER B 141 22.28 -9.29 1.08
CA SER B 141 21.45 -8.95 2.23
C SER B 141 19.97 -9.24 1.94
N ALA B 142 19.52 -8.95 0.72
CA ALA B 142 18.14 -9.21 0.36
C ALA B 142 17.83 -10.71 0.40
N GLU B 143 18.79 -11.54 0.02
CA GLU B 143 18.59 -12.98 0.06
C GLU B 143 18.41 -13.46 1.50
N PHE B 144 19.28 -12.99 2.40
CA PHE B 144 19.14 -13.33 3.82
C PHE B 144 17.80 -12.84 4.38
N GLN B 145 17.37 -11.65 3.97
CA GLN B 145 16.09 -11.12 4.43
C GLN B 145 14.93 -12.00 3.96
N ARG B 146 14.96 -12.39 2.68
CA ARG B 146 13.92 -13.27 2.15
C ARG B 146 13.89 -14.59 2.91
N ILE B 147 15.07 -15.19 3.14
CA ILE B 147 15.13 -16.46 3.86
C ILE B 147 14.53 -16.30 5.26
N CYS B 148 14.90 -15.22 5.95
CA CYS B 148 14.41 -15.00 7.31
C CYS B 148 12.90 -14.84 7.33
N ARG B 149 12.35 -14.04 6.42
CA ARG B 149 10.89 -13.89 6.38
C ARG B 149 10.21 -15.21 6.08
N ASP B 150 10.72 -15.93 5.06
CA ASP B 150 10.11 -17.18 4.65
C ASP B 150 10.06 -18.19 5.79
N LEU B 151 11.19 -18.37 6.49
CA LEU B 151 11.21 -19.34 7.58
C LEU B 151 10.45 -18.82 8.81
N ASN B 152 10.40 -17.49 9.00
CA ASN B 152 9.60 -16.94 10.09
C ASN B 152 8.11 -17.15 9.87
N ALA B 153 7.69 -17.28 8.61
CA ALA B 153 6.29 -17.61 8.34
C ALA B 153 5.89 -18.97 8.91
N LEU B 154 6.86 -19.86 9.18
CA LEU B 154 6.55 -21.21 9.61
C LEU B 154 7.00 -21.54 11.02
N SER B 155 7.92 -20.77 11.60
CA SER B 155 8.52 -21.19 12.86
C SER B 155 9.11 -19.98 13.58
N GLU B 156 9.35 -20.17 14.88
CA GLU B 156 10.00 -19.17 15.71
C GLU B 156 11.52 -19.33 15.75
N SER B 157 12.04 -20.49 15.35
CA SER B 157 13.46 -20.79 15.48
C SER B 157 13.99 -21.30 14.15
N VAL B 158 15.28 -21.07 13.93
CA VAL B 158 15.98 -21.53 12.73
C VAL B 158 17.31 -22.14 13.12
N VAL B 159 17.62 -23.29 12.52
CA VAL B 159 18.92 -23.95 12.65
C VAL B 159 19.78 -23.53 11.46
N ILE B 160 20.95 -22.96 11.76
CA ILE B 160 21.94 -22.54 10.78
C ILE B 160 23.13 -23.48 10.82
N GLU B 161 23.42 -24.03 9.67
CA GLU B 161 24.42 -25.07 9.46
C GLU B 161 25.39 -24.69 8.36
N ALA B 162 26.63 -24.42 8.77
CA ALA B 162 27.70 -23.99 7.89
C ALA B 162 28.70 -25.12 7.73
N THR B 163 28.91 -25.53 6.48
CA THR B 163 29.88 -26.54 6.08
C THR B 163 30.68 -25.97 4.93
N LYS B 164 31.69 -26.71 4.49
CA LYS B 164 32.52 -26.24 3.38
C LYS B 164 31.69 -26.08 2.10
N GLU B 165 30.73 -26.98 1.89
CA GLU B 165 29.89 -26.91 0.69
C GLU B 165 29.01 -25.68 0.70
N GLY B 166 28.26 -25.47 1.78
CA GLY B 166 27.34 -24.35 1.82
C GLY B 166 26.69 -24.21 3.18
N VAL B 167 25.65 -23.39 3.21
CA VAL B 167 24.94 -23.02 4.43
C VAL B 167 23.48 -23.39 4.30
N LYS B 168 22.96 -24.12 5.29
CA LYS B 168 21.57 -24.54 5.34
C LYS B 168 20.86 -23.85 6.50
N PHE B 169 19.73 -23.22 6.20
CA PHE B 169 18.81 -22.69 7.19
C PHE B 169 17.58 -23.58 7.21
N SER B 170 17.25 -24.15 8.36
CA SER B 170 16.12 -25.08 8.44
C SER B 170 15.23 -24.73 9.62
N CYS B 171 13.94 -25.08 9.49
CA CYS B 171 12.98 -24.83 10.55
C CYS B 171 11.84 -25.82 10.45
N GLN B 172 11.11 -25.96 11.55
CA GLN B 172 9.96 -26.86 11.61
C GLN B 172 8.88 -26.22 12.46
N GLY B 173 7.62 -26.53 12.13
CA GLY B 173 6.52 -25.91 12.81
C GLY B 173 5.22 -26.64 12.55
N ASP B 174 4.12 -26.04 13.03
CA ASP B 174 2.81 -26.68 12.94
C ASP B 174 2.43 -26.98 11.49
N ILE B 175 2.76 -26.07 10.56
CA ILE B 175 2.42 -26.30 9.16
C ILE B 175 3.29 -27.42 8.59
N GLY B 176 4.52 -27.55 9.07
CA GLY B 176 5.44 -28.54 8.58
C GLY B 176 6.90 -28.15 8.81
N SER B 177 7.75 -28.39 7.82
CA SER B 177 9.17 -28.10 7.93
C SER B 177 9.67 -27.52 6.61
N GLY B 178 10.64 -26.62 6.71
CA GLY B 178 11.19 -25.97 5.55
C GLY B 178 12.69 -25.80 5.69
N SER B 179 13.34 -25.55 4.55
CA SER B 179 14.78 -25.36 4.55
C SER B 179 15.21 -24.65 3.27
N VAL B 180 16.28 -23.87 3.39
CA VAL B 180 16.92 -23.17 2.27
C VAL B 180 18.42 -23.43 2.35
N THR B 181 18.99 -23.96 1.28
CA THR B 181 20.42 -24.26 1.20
C THR B 181 21.07 -23.38 0.14
N ILE B 182 22.12 -22.65 0.53
CA ILE B 182 22.91 -21.82 -0.37
C ILE B 182 24.31 -22.40 -0.49
N ARG B 183 24.86 -22.42 -1.70
CA ARG B 183 26.24 -22.84 -1.94
C ARG B 183 27.08 -21.61 -2.29
N GLN B 184 28.38 -21.75 -2.08
CA GLN B 184 29.33 -20.73 -2.49
C GLN B 184 29.23 -20.47 -3.98
N HIS B 185 28.87 -19.23 -4.36
CA HIS B 185 28.53 -18.87 -5.73
C HIS B 185 29.26 -17.59 -6.11
N THR B 186 30.10 -17.67 -7.15
CA THR B 186 30.90 -16.54 -7.63
C THR B 186 30.54 -16.21 -9.07
N SER B 187 30.05 -14.99 -9.30
CA SER B 187 29.82 -14.49 -10.64
C SER B 187 30.76 -13.31 -10.93
N VAL B 188 31.38 -13.34 -12.12
CA VAL B 188 32.14 -12.19 -12.62
C VAL B 188 31.21 -11.06 -13.06
N ASP B 189 30.09 -11.40 -13.71
CA ASP B 189 29.12 -10.43 -14.20
C ASP B 189 28.54 -9.62 -13.05
N LYS B 190 27.68 -10.23 -12.22
CA LYS B 190 27.07 -9.52 -11.10
C LYS B 190 27.53 -10.11 -9.77
N PRO B 191 28.65 -9.58 -9.19
CA PRO B 191 29.10 -10.09 -7.89
C PRO B 191 28.44 -9.47 -6.69
N GLU B 192 27.41 -8.63 -6.86
CA GLU B 192 26.56 -8.20 -5.75
C GLU B 192 25.73 -9.36 -5.19
N GLN B 193 25.92 -10.56 -5.76
CA GLN B 193 24.94 -11.58 -5.86
C GLN B 193 25.67 -12.90 -5.76
N ASN B 194 26.74 -12.81 -4.96
CA ASN B 194 27.76 -13.80 -4.69
C ASN B 194 27.54 -14.36 -3.30
N VAL B 195 28.08 -15.55 -3.05
CA VAL B 195 28.02 -16.19 -1.74
C VAL B 195 29.41 -16.72 -1.40
N SER B 196 29.99 -16.24 -0.31
CA SER B 196 31.32 -16.64 0.12
C SER B 196 31.24 -17.34 1.47
N ILE B 197 32.01 -18.42 1.63
CA ILE B 197 32.08 -19.14 2.89
C ILE B 197 33.53 -19.37 3.24
N ALA B 198 33.98 -18.78 4.36
CA ALA B 198 35.30 -19.01 4.93
C ALA B 198 35.10 -19.82 6.20
N LEU B 199 35.54 -21.08 6.18
CA LEU B 199 35.18 -22.03 7.23
C LEU B 199 36.39 -22.84 7.64
N SER B 200 36.69 -22.83 8.94
CA SER B 200 37.74 -23.66 9.50
C SER B 200 37.21 -25.00 10.00
N GLU B 201 35.94 -25.04 10.44
CA GLU B 201 35.32 -26.24 10.97
C GLU B 201 33.82 -26.04 10.93
N PRO B 202 33.04 -27.10 10.63
CA PRO B 202 31.58 -26.92 10.50
C PRO B 202 30.94 -26.48 11.80
N VAL B 203 29.79 -25.80 11.68
CA VAL B 203 29.14 -25.21 12.85
C VAL B 203 27.63 -25.24 12.66
N ALA B 204 26.90 -25.52 13.75
CA ALA B 204 25.45 -25.64 13.75
C ALA B 204 24.88 -24.95 14.99
N LEU B 205 24.03 -23.96 14.78
CA LEU B 205 23.45 -23.17 15.87
C LEU B 205 21.98 -22.87 15.62
N THR B 206 21.22 -22.69 16.70
CA THR B 206 19.81 -22.37 16.62
C THR B 206 19.57 -20.94 17.09
N PHE B 207 18.67 -20.23 16.43
CA PHE B 207 18.44 -18.81 16.71
C PHE B 207 16.96 -18.47 16.57
N SER B 208 16.57 -17.37 17.22
CA SER B 208 15.20 -16.87 17.14
C SER B 208 15.01 -16.12 15.83
N LEU B 209 13.95 -16.49 15.10
CA LEU B 209 13.73 -15.92 13.77
C LEU B 209 13.19 -14.49 13.85
N LYS B 210 12.44 -14.16 14.91
CA LYS B 210 11.91 -12.80 15.03
C LYS B 210 13.04 -11.78 15.16
N TYR B 211 14.07 -12.14 15.94
CA TYR B 211 15.22 -11.24 16.08
C TYR B 211 15.98 -11.09 14.76
N LEU B 212 16.13 -12.19 14.02
CA LEU B 212 16.81 -12.10 12.72
C LEU B 212 16.01 -11.25 11.74
N VAL B 213 14.68 -11.38 11.76
CA VAL B 213 13.85 -10.54 10.91
C VAL B 213 13.99 -9.07 11.29
N ASN B 214 14.08 -8.79 12.60
CA ASN B 214 14.35 -7.42 13.03
C ASN B 214 15.71 -6.94 12.54
N PHE B 215 16.73 -7.81 12.61
CA PHE B 215 18.05 -7.49 12.09
C PHE B 215 17.97 -7.10 10.62
N CYS B 216 17.18 -7.84 9.84
CA CYS B 216 17.16 -7.68 8.39
C CYS B 216 16.54 -6.36 7.94
N LYS B 217 16.00 -5.55 8.85
CA LYS B 217 15.56 -4.21 8.50
C LYS B 217 16.71 -3.29 8.15
N ALA B 218 17.95 -3.75 8.28
CA ALA B 218 19.13 -3.02 7.83
C ALA B 218 19.51 -3.34 6.39
N THR B 219 18.66 -4.10 5.68
CA THR B 219 18.97 -4.50 4.32
C THR B 219 19.25 -3.30 3.41
N SER B 220 18.54 -2.18 3.65
CA SER B 220 18.72 -1.00 2.82
C SER B 220 20.07 -0.33 3.00
N LEU B 221 20.86 -0.72 3.99
CA LEU B 221 22.15 -0.11 4.23
C LEU B 221 23.27 -0.71 3.38
N SER B 222 23.08 -1.91 2.86
CA SER B 222 24.10 -2.57 2.05
C SER B 222 23.43 -3.74 1.32
N SER B 223 23.87 -3.97 0.08
CA SER B 223 23.40 -5.11 -0.68
C SER B 223 23.97 -6.43 -0.18
N LYS B 224 24.84 -6.35 0.81
CA LYS B 224 25.64 -7.45 1.32
C LYS B 224 25.53 -7.55 2.84
N VAL B 225 25.49 -8.79 3.34
CA VAL B 225 25.49 -9.07 4.77
C VAL B 225 26.52 -10.16 5.08
N THR B 226 27.11 -10.08 6.26
CA THR B 226 28.07 -11.07 6.73
C THR B 226 27.57 -11.74 8.00
N LEU B 227 27.56 -13.07 7.99
CA LEU B 227 27.17 -13.88 9.14
C LEU B 227 28.40 -14.59 9.71
N CYS B 228 28.66 -14.38 11.00
CA CYS B 228 29.81 -14.96 11.69
C CYS B 228 29.31 -15.88 12.79
N LEU B 229 29.72 -17.16 12.71
CA LEU B 229 29.25 -18.22 13.60
C LEU B 229 30.40 -19.01 14.20
N SER B 230 30.25 -19.34 15.47
CA SER B 230 31.01 -20.38 16.17
C SER B 230 30.15 -20.85 17.34
N GLN B 231 30.44 -22.05 17.87
CA GLN B 231 29.52 -22.65 18.84
C GLN B 231 29.40 -21.83 20.11
N GLU B 232 30.50 -21.27 20.60
CA GLU B 232 30.53 -20.79 21.97
C GLU B 232 30.31 -19.29 22.04
N VAL B 233 29.96 -18.67 20.93
CA VAL B 233 29.79 -17.23 20.88
C VAL B 233 28.46 -16.92 20.20
N PRO B 234 27.83 -15.78 20.51
CA PRO B 234 26.62 -15.39 19.78
C PRO B 234 26.88 -15.19 18.30
N LEU B 235 25.81 -15.27 17.52
CA LEU B 235 25.89 -14.99 16.10
C LEU B 235 26.13 -13.51 15.85
N LEU B 236 26.98 -13.20 14.86
CA LEU B 236 27.22 -11.83 14.44
C LEU B 236 26.66 -11.63 13.03
N VAL B 237 25.82 -10.60 12.87
CA VAL B 237 25.25 -10.23 11.58
C VAL B 237 25.68 -8.80 11.31
N GLU B 238 26.54 -8.61 10.31
CA GLU B 238 27.21 -7.34 10.09
C GLU B 238 26.83 -6.77 8.73
N TYR B 239 26.47 -5.48 8.73
CA TYR B 239 26.21 -4.70 7.52
C TYR B 239 27.22 -3.57 7.45
N GLY B 240 27.99 -3.52 6.36
CA GLY B 240 28.93 -2.43 6.16
C GLY B 240 28.22 -1.17 5.71
N LEU B 241 28.72 -0.03 6.20
CA LEU B 241 28.09 1.26 5.98
C LEU B 241 28.83 2.15 5.00
N GLY B 242 30.08 1.80 4.65
CA GLY B 242 30.91 2.67 3.84
C GLY B 242 31.89 3.45 4.69
N SER B 243 31.38 4.11 5.72
CA SER B 243 32.20 4.83 6.70
C SER B 243 31.72 4.45 8.10
N GLY B 244 31.83 3.16 8.41
CA GLY B 244 31.37 2.61 9.68
C GLY B 244 30.70 1.27 9.45
N HIS B 245 29.86 0.89 10.41
CA HIS B 245 29.25 -0.44 10.36
C HIS B 245 28.03 -0.48 11.27
N LEU B 246 27.18 -1.48 11.04
CA LEU B 246 26.07 -1.81 11.92
C LEU B 246 26.10 -3.32 12.17
N ARG B 247 26.33 -3.70 13.43
CA ARG B 247 26.45 -5.09 13.80
C ARG B 247 25.33 -5.48 14.76
N PHE B 248 24.78 -6.67 14.55
CA PHE B 248 23.80 -7.27 15.45
C PHE B 248 24.38 -8.55 16.02
N TYR B 249 24.22 -8.75 17.32
CA TYR B 249 24.65 -9.96 18.00
C TYR B 249 23.42 -10.66 18.55
N LEU B 250 23.35 -11.97 18.35
CA LEU B 250 22.18 -12.76 18.75
C LEU B 250 22.63 -13.96 19.57
N ALA B 251 22.15 -14.05 20.80
CA ALA B 251 22.46 -15.20 21.64
C ALA B 251 21.69 -16.42 21.14
N PRO B 252 22.31 -17.60 21.15
CA PRO B 252 21.66 -18.78 20.58
C PRO B 252 20.69 -19.42 21.56
N LYS B 253 19.88 -20.33 21.04
CA LYS B 253 19.05 -21.21 21.86
C LYS B 253 19.75 -22.54 22.02
N ILE B 254 19.81 -23.04 23.26
CA ILE B 254 20.61 -24.23 23.56
C ILE B 254 19.78 -25.25 24.32
N MET C 1 -33.89 20.01 -17.32
CA MET C 1 -33.31 21.28 -16.90
C MET C 1 -31.79 21.29 -16.94
N LEU C 2 -31.18 20.46 -16.11
CA LEU C 2 -29.74 20.52 -15.88
C LEU C 2 -29.04 19.47 -16.73
N GLU C 3 -28.06 19.92 -17.50
CA GLU C 3 -27.18 19.04 -18.27
C GLU C 3 -25.79 19.69 -18.26
N ALA C 4 -24.85 19.06 -17.56
CA ALA C 4 -23.51 19.60 -17.37
C ALA C 4 -22.50 18.53 -17.72
N ARG C 5 -21.64 18.80 -18.70
CA ARG C 5 -20.72 17.79 -19.23
C ARG C 5 -19.27 18.21 -19.09
N LEU C 6 -18.48 17.37 -18.43
CA LEU C 6 -17.01 17.48 -18.42
C LEU C 6 -16.39 16.62 -19.50
N GLU C 7 -15.37 17.18 -20.16
CA GLU C 7 -14.60 16.42 -21.13
C GLU C 7 -13.71 15.41 -20.42
N GLN C 8 -13.11 15.81 -19.30
CA GLN C 8 -12.32 14.92 -18.45
C GLN C 8 -13.04 14.78 -17.12
N ALA C 9 -13.40 13.55 -16.76
CA ALA C 9 -14.06 13.29 -15.49
C ALA C 9 -13.14 13.53 -14.29
N SER C 10 -11.83 13.56 -14.50
CA SER C 10 -10.88 13.67 -13.39
C SER C 10 -11.21 14.89 -12.54
N LEU C 11 -11.53 16.01 -13.18
CA LEU C 11 -11.80 17.25 -12.46
C LEU C 11 -12.83 17.00 -11.36
N LEU C 12 -13.92 16.32 -11.69
CA LEU C 12 -14.93 16.10 -10.66
C LEU C 12 -14.42 15.17 -9.57
N LYS C 13 -13.77 14.07 -9.96
CA LYS C 13 -13.36 13.05 -8.99
C LYS C 13 -12.44 13.66 -7.93
N ARG C 14 -11.35 14.28 -8.38
CA ARG C 14 -10.45 14.95 -7.45
C ARG C 14 -11.19 15.95 -6.58
N VAL C 15 -12.09 16.75 -7.19
CA VAL C 15 -12.81 17.73 -6.41
C VAL C 15 -13.57 17.04 -5.29
N VAL C 16 -14.29 15.97 -5.63
CA VAL C 16 -15.03 15.25 -4.60
C VAL C 16 -14.05 14.70 -3.56
N ASP C 17 -12.94 14.13 -4.02
CA ASP C 17 -11.93 13.61 -3.09
C ASP C 17 -11.36 14.72 -2.22
N ALA C 18 -11.32 15.95 -2.74
CA ALA C 18 -10.77 17.06 -1.97
C ALA C 18 -11.78 17.67 -1.01
N ILE C 19 -13.04 17.23 -1.04
CA ILE C 19 -14.08 17.80 -0.20
C ILE C 19 -14.62 16.78 0.80
N LYS C 20 -14.72 15.50 0.40
CA LYS C 20 -15.56 14.55 1.12
C LYS C 20 -15.09 14.30 2.55
N ASP C 21 -13.78 14.33 2.79
CA ASP C 21 -13.28 14.08 4.13
C ASP C 21 -13.44 15.27 5.07
N LEU C 22 -13.73 16.45 4.54
CA LEU C 22 -14.00 17.60 5.39
C LEU C 22 -15.49 17.75 5.65
N VAL C 23 -16.32 17.61 4.61
CA VAL C 23 -17.77 17.67 4.70
C VAL C 23 -18.35 16.55 3.84
N GLN C 24 -19.22 15.72 4.44
CA GLN C 24 -19.72 14.56 3.72
C GLN C 24 -20.92 14.88 2.83
N ASP C 25 -21.90 15.62 3.34
CA ASP C 25 -23.14 15.90 2.62
C ASP C 25 -23.16 17.36 2.20
N CYS C 26 -23.26 17.61 0.90
CA CYS C 26 -23.19 18.97 0.38
C CYS C 26 -24.31 19.23 -0.61
N ASN C 27 -24.75 20.49 -0.65
CA ASN C 27 -25.66 20.95 -1.70
C ASN C 27 -24.82 21.56 -2.82
N PHE C 28 -24.99 21.01 -4.02
CA PHE C 28 -24.44 21.62 -5.23
C PHE C 28 -25.50 22.59 -5.75
N ASP C 29 -25.24 23.88 -5.60
CA ASP C 29 -26.16 24.93 -6.02
C ASP C 29 -25.91 25.22 -7.50
N CYS C 30 -26.93 25.00 -8.32
CA CYS C 30 -26.81 25.08 -9.77
C CYS C 30 -27.58 26.28 -10.28
N ASN C 31 -26.89 27.12 -11.06
CA ASN C 31 -27.50 28.28 -11.69
C ASN C 31 -26.80 28.55 -13.01
N ASP C 32 -27.19 29.65 -13.68
CA ASP C 32 -26.62 29.97 -14.98
C ASP C 32 -25.12 30.20 -14.92
N SER C 33 -24.59 30.62 -13.78
CA SER C 33 -23.15 30.82 -13.65
C SER C 33 -22.39 29.50 -13.60
N GLY C 34 -23.06 28.40 -13.24
CA GLY C 34 -22.39 27.13 -13.10
C GLY C 34 -22.82 26.37 -11.86
N ILE C 35 -21.91 25.56 -11.32
CA ILE C 35 -22.19 24.74 -10.15
C ILE C 35 -21.30 25.22 -9.01
N ALA C 36 -21.93 25.68 -7.93
CA ALA C 36 -21.20 26.18 -6.77
C ALA C 36 -21.51 25.30 -5.57
N LEU C 37 -20.70 25.48 -4.53
CA LEU C 37 -20.84 24.70 -3.31
C LEU C 37 -20.23 25.49 -2.17
N GLN C 38 -20.93 25.51 -1.04
CA GLN C 38 -20.36 26.07 0.18
C GLN C 38 -20.86 25.25 1.36
N ALA C 39 -19.92 24.83 2.22
CA ALA C 39 -20.31 23.97 3.34
C ALA C 39 -19.29 24.08 4.45
N MET C 40 -19.77 24.12 5.69
CA MET C 40 -18.91 24.07 6.86
C MET C 40 -18.80 22.63 7.36
N ASP C 41 -17.68 22.32 7.99
CA ASP C 41 -17.55 21.02 8.63
C ASP C 41 -18.44 20.96 9.87
N ASN C 42 -18.57 19.76 10.44
CA ASN C 42 -19.48 19.56 11.56
C ASN C 42 -19.09 20.41 12.76
N SER C 43 -17.81 20.74 12.89
CA SER C 43 -17.34 21.59 13.98
C SER C 43 -17.38 23.07 13.64
N HIS C 44 -17.72 23.43 12.40
CA HIS C 44 -17.79 24.83 11.96
C HIS C 44 -16.44 25.53 12.09
N VAL C 45 -15.36 24.76 11.93
CA VAL C 45 -14.00 25.30 12.05
C VAL C 45 -13.50 25.67 10.67
N ALA C 46 -13.92 24.91 9.66
CA ALA C 46 -13.49 25.12 8.28
C ALA C 46 -14.71 25.28 7.39
N LEU C 47 -14.49 25.95 6.26
CA LEU C 47 -15.55 26.20 5.28
C LEU C 47 -14.99 25.97 3.88
N VAL C 48 -15.72 25.22 3.07
CA VAL C 48 -15.34 24.95 1.68
C VAL C 48 -16.23 25.78 0.77
N SER C 49 -15.60 26.39 -0.24
CA SER C 49 -16.28 27.18 -1.26
C SER C 49 -15.72 26.78 -2.61
N MET C 50 -16.51 26.05 -3.39
CA MET C 50 -16.12 25.58 -4.71
C MET C 50 -16.97 26.26 -5.76
N LEU C 51 -16.35 26.60 -6.89
CA LEU C 51 -17.07 27.08 -8.07
C LEU C 51 -16.52 26.36 -9.29
N LEU C 52 -17.39 25.62 -9.99
CA LEU C 52 -17.11 25.11 -11.32
C LEU C 52 -17.95 25.93 -12.27
N LYS C 53 -17.32 26.85 -12.94
CA LYS C 53 -18.00 27.74 -13.85
C LYS C 53 -18.49 27.03 -15.10
N ALA C 54 -19.59 27.53 -15.66
CA ALA C 54 -20.15 27.03 -16.89
C ALA C 54 -19.14 27.01 -18.03
N GLU C 55 -18.07 27.81 -17.91
CA GLU C 55 -17.09 27.88 -18.99
C GLU C 55 -16.38 26.54 -19.21
N GLY C 56 -16.18 25.76 -18.15
CA GLY C 56 -15.42 24.52 -18.20
C GLY C 56 -16.14 23.32 -18.75
N PHE C 57 -17.42 23.47 -19.05
CA PHE C 57 -18.27 22.40 -19.53
C PHE C 57 -18.50 22.52 -21.04
N SER C 58 -18.71 21.34 -21.65
CA SER C 58 -19.02 21.17 -23.07
C SER C 58 -20.32 21.88 -23.41
N ALA C 59 -21.25 21.90 -22.48
CA ALA C 59 -22.65 22.17 -22.72
C ALA C 59 -23.23 22.36 -21.33
N TYR C 60 -23.49 23.60 -20.96
CA TYR C 60 -24.09 23.92 -19.69
C TYR C 60 -25.46 24.48 -19.99
N ARG C 61 -26.48 23.89 -19.38
CA ARG C 61 -27.85 24.34 -19.60
C ARG C 61 -28.60 24.16 -18.29
N CYS C 62 -29.14 25.26 -17.78
CA CYS C 62 -29.93 25.21 -16.54
C CYS C 62 -30.90 26.38 -16.54
N ASP C 63 -32.17 26.11 -16.79
CA ASP C 63 -33.16 27.19 -16.82
C ASP C 63 -33.70 27.51 -15.44
N ARG C 64 -33.49 26.64 -14.44
CA ARG C 64 -34.02 26.87 -13.11
C ARG C 64 -32.98 26.49 -12.08
N ASN C 65 -32.74 27.39 -11.13
CA ASN C 65 -31.76 27.15 -10.07
C ASN C 65 -32.19 25.97 -9.21
N ILE C 66 -31.24 25.10 -8.88
CA ILE C 66 -31.60 23.92 -8.09
C ILE C 66 -30.44 23.52 -7.19
N ALA C 67 -30.76 23.14 -5.96
CA ALA C 67 -29.78 22.61 -5.03
C ALA C 67 -29.85 21.09 -5.05
N LEU C 68 -28.76 20.44 -5.50
CA LEU C 68 -28.66 19.00 -5.53
C LEU C 68 -27.95 18.55 -4.25
N GLY C 69 -28.71 17.99 -3.31
CA GLY C 69 -28.12 17.47 -2.09
C GLY C 69 -27.52 16.10 -2.29
N ILE C 70 -26.20 15.98 -2.13
CA ILE C 70 -25.47 14.76 -2.45
C ILE C 70 -24.61 14.35 -1.27
N ASN C 71 -24.68 13.08 -0.91
CA ASN C 71 -23.71 12.45 -0.02
C ASN C 71 -22.44 12.14 -0.81
N LEU C 72 -21.34 12.79 -0.44
CA LEU C 72 -20.12 12.69 -1.24
C LEU C 72 -19.46 11.33 -1.15
N VAL C 73 -19.75 10.54 -0.12
CA VAL C 73 -19.22 9.17 -0.06
C VAL C 73 -19.87 8.31 -1.14
N SER C 74 -21.20 8.37 -1.23
CA SER C 74 -21.91 7.70 -2.32
C SER C 74 -21.43 8.20 -3.68
N LEU C 75 -21.23 9.50 -3.80
CA LEU C 75 -20.76 10.07 -5.06
C LEU C 75 -19.38 9.55 -5.41
N THR C 76 -18.50 9.40 -4.41
CA THR C 76 -17.17 8.83 -4.66
C THR C 76 -17.27 7.37 -5.09
N LYS C 77 -18.11 6.59 -4.41
CA LYS C 77 -18.33 5.21 -4.82
C LYS C 77 -18.75 5.13 -6.28
N VAL C 78 -19.61 6.04 -6.70
CA VAL C 78 -20.10 6.02 -8.09
C VAL C 78 -19.01 6.52 -9.04
N LEU C 79 -18.25 7.53 -8.63
CA LEU C 79 -17.24 8.14 -9.49
C LEU C 79 -16.02 7.25 -9.66
N ARG C 80 -15.80 6.29 -8.76
CA ARG C 80 -14.69 5.36 -8.94
C ARG C 80 -14.83 4.55 -10.22
N ALA C 81 -16.05 4.39 -10.73
CA ALA C 81 -16.32 3.65 -11.96
C ALA C 81 -16.07 4.47 -13.21
N ALA C 82 -15.53 5.67 -13.07
CA ALA C 82 -15.22 6.53 -14.21
C ALA C 82 -13.73 6.81 -14.23
N GLN C 83 -13.10 6.61 -15.38
CA GLN C 83 -11.70 6.98 -15.51
C GLN C 83 -11.56 8.49 -15.68
N ASN C 84 -10.35 8.99 -15.39
CA ASN C 84 -10.07 10.41 -15.53
C ASN C 84 -10.35 10.91 -16.93
N GLU C 85 -10.15 10.04 -17.93
CA GLU C 85 -10.36 10.37 -19.32
C GLU C 85 -11.84 10.36 -19.72
N ASP C 86 -12.67 9.67 -18.94
CA ASP C 86 -14.05 9.44 -19.35
C ASP C 86 -14.80 10.75 -19.53
N ILE C 87 -15.65 10.80 -20.54
CA ILE C 87 -16.54 11.93 -20.77
C ILE C 87 -17.70 11.81 -19.78
N LEU C 88 -17.88 12.84 -18.96
CA LEU C 88 -18.84 12.79 -17.86
C LEU C 88 -19.99 13.73 -18.13
N THR C 89 -21.21 13.28 -17.86
CA THR C 89 -22.38 14.13 -17.99
C THR C 89 -23.28 13.99 -16.79
N LEU C 90 -23.59 15.11 -16.15
CA LEU C 90 -24.61 15.21 -15.11
C LEU C 90 -25.91 15.67 -15.76
N LYS C 91 -27.01 15.06 -15.36
CA LYS C 91 -28.32 15.50 -15.80
C LYS C 91 -29.27 15.49 -14.62
N ALA C 92 -30.24 16.39 -14.66
CA ALA C 92 -31.27 16.47 -13.64
C ALA C 92 -32.49 17.14 -14.26
N ASP C 93 -33.67 16.80 -13.73
CA ASP C 93 -34.91 17.31 -14.30
C ASP C 93 -35.41 18.53 -13.53
N ASP C 94 -36.72 18.70 -13.45
CA ASP C 94 -37.29 19.96 -12.99
C ASP C 94 -37.32 20.05 -11.47
N SER C 95 -38.02 19.13 -10.81
CA SER C 95 -37.97 18.95 -9.36
C SER C 95 -37.36 17.62 -9.05
N PRO C 96 -36.04 17.48 -9.16
CA PRO C 96 -35.40 16.17 -9.18
C PRO C 96 -35.36 15.47 -7.82
N ASP C 97 -35.48 14.14 -7.88
CA ASP C 97 -35.20 13.26 -6.75
C ASP C 97 -33.85 12.54 -6.89
N ALA C 98 -33.22 12.63 -8.06
CA ALA C 98 -31.95 11.95 -8.30
C ALA C 98 -31.19 12.70 -9.39
N VAL C 99 -29.88 12.50 -9.41
CA VAL C 99 -28.99 13.05 -10.42
C VAL C 99 -28.45 11.91 -11.27
N ASN C 100 -28.46 12.09 -12.60
CA ASN C 100 -28.01 11.09 -13.52
C ASN C 100 -26.58 11.38 -13.95
N LEU C 101 -25.70 10.40 -13.76
CA LEU C 101 -24.30 10.49 -14.14
C LEU C 101 -24.04 9.52 -15.28
N MET C 102 -23.36 9.99 -16.31
CA MET C 102 -23.04 9.16 -17.48
C MET C 102 -21.55 9.27 -17.76
N PHE C 103 -20.89 8.12 -17.80
CA PHE C 103 -19.48 8.01 -18.13
C PHE C 103 -19.35 7.33 -19.48
N GLU C 104 -18.61 7.96 -20.40
CA GLU C 104 -18.40 7.42 -21.73
C GLU C 104 -16.91 7.26 -21.96
N SER C 105 -16.52 6.13 -22.51
CA SER C 105 -15.12 5.83 -22.80
C SER C 105 -14.90 5.76 -24.30
N ALA C 106 -13.68 6.06 -24.72
CA ALA C 106 -13.34 6.06 -26.14
C ALA C 106 -12.79 4.71 -26.57
N GLU C 107 -13.04 4.36 -27.84
CA GLU C 107 -12.51 3.14 -28.45
C GLU C 107 -13.02 1.88 -27.76
N THR C 108 -14.19 1.96 -27.12
CA THR C 108 -14.70 0.84 -26.35
C THR C 108 -16.16 0.51 -26.65
N ASP C 109 -17.00 1.52 -26.89
CA ASP C 109 -18.46 1.44 -26.93
C ASP C 109 -19.04 1.21 -25.54
N ARG C 110 -18.21 1.18 -24.51
CA ARG C 110 -18.69 1.02 -23.15
C ARG C 110 -19.33 2.32 -22.66
N ILE C 111 -20.50 2.20 -22.03
CA ILE C 111 -21.21 3.32 -21.46
C ILE C 111 -21.65 2.93 -20.05
N SER C 112 -21.35 3.78 -19.08
CA SER C 112 -21.79 3.58 -17.70
C SER C 112 -22.79 4.66 -17.31
N GLU C 113 -23.87 4.25 -16.66
CA GLU C 113 -24.93 5.17 -16.26
C GLU C 113 -25.35 4.88 -14.83
N TYR C 114 -25.47 5.92 -14.02
CA TYR C 114 -25.87 5.80 -12.62
C TYR C 114 -26.91 6.86 -12.31
N ASP C 115 -27.89 6.50 -11.48
CA ASP C 115 -28.90 7.44 -11.00
C ASP C 115 -28.77 7.50 -9.49
N ILE C 116 -28.13 8.56 -9.00
CA ILE C 116 -27.85 8.70 -7.57
C ILE C 116 -28.98 9.48 -6.92
N LYS C 117 -29.60 8.87 -5.91
CA LYS C 117 -30.68 9.53 -5.18
C LYS C 117 -30.16 10.76 -4.45
N LEU C 118 -30.91 11.86 -4.55
CA LEU C 118 -30.55 13.06 -3.81
C LEU C 118 -31.09 12.99 -2.38
N MET C 119 -30.54 13.84 -1.53
CA MET C 119 -30.98 13.93 -0.13
C MET C 119 -31.22 15.39 0.22
N ASP C 120 -32.04 15.59 1.26
CA ASP C 120 -32.37 16.92 1.75
C ASP C 120 -31.31 17.35 2.77
N ILE C 121 -30.63 18.45 2.49
CA ILE C 121 -29.56 18.96 3.35
C ILE C 121 -29.86 20.41 3.71
N ASP C 122 -29.82 20.71 5.00
CA ASP C 122 -29.97 22.08 5.49
C ASP C 122 -28.57 22.62 5.78
N GLN C 123 -27.99 23.28 4.79
CA GLN C 123 -26.62 23.78 4.85
C GLN C 123 -26.63 25.25 5.25
N GLU C 124 -25.86 25.59 6.27
CA GLU C 124 -25.74 26.99 6.69
C GLU C 124 -24.70 27.68 5.81
N HIS C 125 -25.15 28.60 4.97
CA HIS C 125 -24.27 29.37 4.09
C HIS C 125 -23.90 30.70 4.75
N LEU C 126 -22.67 31.13 4.50
CA LEU C 126 -22.14 32.37 5.08
C LEU C 126 -21.77 33.34 3.98
N ALA C 127 -21.99 34.63 4.24
CA ALA C 127 -21.59 35.69 3.32
C ALA C 127 -20.13 36.06 3.63
N ILE C 128 -19.26 35.90 2.64
CA ILE C 128 -17.84 36.18 2.78
C ILE C 128 -17.51 37.42 1.93
N PRO C 129 -17.27 38.57 2.55
CA PRO C 129 -16.94 39.75 1.75
C PRO C 129 -15.54 39.66 1.16
N GLU C 130 -15.36 40.34 0.03
CA GLU C 130 -14.04 40.43 -0.59
C GLU C 130 -13.09 41.16 0.35
N THR C 131 -11.92 40.57 0.57
CA THR C 131 -10.96 41.06 1.55
C THR C 131 -9.65 41.40 0.87
N GLU C 132 -9.02 42.48 1.33
CA GLU C 132 -7.65 42.81 0.95
C GLU C 132 -6.74 42.24 2.03
N TYR C 133 -6.05 41.15 1.71
CA TYR C 133 -5.30 40.41 2.71
C TYR C 133 -3.95 41.06 2.97
N ALA C 134 -3.52 41.03 4.23
CA ALA C 134 -2.23 41.57 4.59
C ALA C 134 -1.09 40.78 3.95
N ALA C 135 -1.28 39.48 3.71
CA ALA C 135 -0.23 38.67 3.12
C ALA C 135 -0.84 37.65 2.16
N THR C 136 -0.19 37.49 1.01
CA THR C 136 -0.59 36.53 -0.01
C THR C 136 0.65 35.77 -0.45
N VAL C 137 0.64 34.45 -0.25
CA VAL C 137 1.79 33.60 -0.53
C VAL C 137 1.38 32.57 -1.57
N GLU C 138 2.06 32.59 -2.71
CA GLU C 138 1.85 31.61 -3.77
C GLU C 138 3.03 30.65 -3.75
N MET C 139 2.75 29.37 -3.60
CA MET C 139 3.83 28.40 -3.40
C MET C 139 3.41 27.08 -3.99
N PRO C 140 4.36 26.16 -4.26
CA PRO C 140 4.00 24.85 -4.78
C PRO C 140 3.08 24.11 -3.81
N SER C 141 1.99 23.57 -4.35
CA SER C 141 1.00 22.88 -3.52
C SER C 141 1.62 21.66 -2.84
N ALA C 142 2.46 20.91 -3.56
CA ALA C 142 3.10 19.74 -2.97
C ALA C 142 4.01 20.13 -1.82
N GLU C 143 4.67 21.28 -1.92
CA GLU C 143 5.54 21.75 -0.84
C GLU C 143 4.73 22.06 0.42
N PHE C 144 3.60 22.77 0.25
CA PHE C 144 2.73 23.05 1.38
C PHE C 144 2.19 21.75 2.00
N GLN C 145 1.83 20.78 1.16
CA GLN C 145 1.33 19.51 1.67
C GLN C 145 2.40 18.78 2.47
N ARG C 146 3.63 18.76 1.95
CA ARG C 146 4.73 18.14 2.68
C ARG C 146 4.96 18.81 4.02
N ILE C 147 4.97 20.14 4.03
CA ILE C 147 5.17 20.88 5.29
C ILE C 147 4.07 20.53 6.29
N CYS C 148 2.83 20.51 5.82
CA CYS C 148 1.70 20.24 6.71
C CYS C 148 1.79 18.84 7.29
N ARG C 149 2.08 17.84 6.46
CA ARG C 149 2.22 16.47 6.96
C ARG C 149 3.36 16.37 7.96
N ASP C 150 4.51 16.94 7.62
CA ASP C 150 5.69 16.86 8.48
C ASP C 150 5.41 17.45 9.85
N LEU C 151 4.83 18.65 9.89
CA LEU C 151 4.54 19.28 11.18
C LEU C 151 3.39 18.59 11.91
N ASN C 152 2.43 18.03 11.17
CA ASN C 152 1.34 17.30 11.80
C ASN C 152 1.84 16.04 12.48
N ALA C 153 2.94 15.48 12.00
CA ALA C 153 3.56 14.36 12.70
C ALA C 153 3.99 14.72 14.11
N LEU C 154 4.19 16.01 14.39
CA LEU C 154 4.77 16.44 15.65
C LEU C 154 3.81 17.24 16.53
N SER C 155 2.74 17.78 15.97
CA SER C 155 1.92 18.72 16.74
C SER C 155 0.53 18.81 16.12
N GLU C 156 -0.40 19.33 16.93
CA GLU C 156 -1.76 19.60 16.48
C GLU C 156 -1.92 21.01 15.91
N SER C 157 -0.99 21.92 16.20
CA SER C 157 -1.13 23.32 15.83
C SER C 157 0.12 23.80 15.10
N VAL C 158 -0.06 24.78 14.23
CA VAL C 158 1.03 25.38 13.48
C VAL C 158 0.87 26.90 13.51
N VAL C 159 1.97 27.60 13.78
CA VAL C 159 2.04 29.04 13.65
C VAL C 159 2.58 29.38 12.27
N ILE C 160 1.81 30.14 11.51
CA ILE C 160 2.20 30.65 10.20
C ILE C 160 2.54 32.12 10.36
N GLU C 161 3.76 32.49 9.96
CA GLU C 161 4.29 33.83 10.16
C GLU C 161 4.76 34.36 8.82
N ALA C 162 4.10 35.40 8.32
CA ALA C 162 4.43 36.02 7.05
C ALA C 162 5.05 37.37 7.33
N THR C 163 6.29 37.54 6.88
CA THR C 163 7.05 38.79 6.96
C THR C 163 7.66 39.07 5.59
N LYS C 164 8.32 40.23 5.48
CA LYS C 164 9.01 40.56 4.24
C LYS C 164 10.07 39.51 3.92
N GLU C 165 10.63 38.89 4.95
CA GLU C 165 11.66 37.85 4.77
C GLU C 165 11.12 36.64 4.02
N GLY C 166 10.10 36.01 4.56
CA GLY C 166 9.60 34.77 4.01
C GLY C 166 8.45 34.32 4.87
N VAL C 167 8.12 33.04 4.75
CA VAL C 167 7.01 32.46 5.47
C VAL C 167 7.56 31.34 6.34
N LYS C 168 7.26 31.41 7.64
CA LYS C 168 7.71 30.42 8.60
C LYS C 168 6.50 29.65 9.14
N PHE C 169 6.56 28.32 9.06
CA PHE C 169 5.60 27.44 9.69
C PHE C 169 6.32 26.75 10.86
N SER C 170 5.80 26.93 12.07
CA SER C 170 6.46 26.39 13.25
C SER C 170 5.46 25.65 14.14
N CYS C 171 5.97 24.70 14.91
CA CYS C 171 5.12 23.92 15.79
C CYS C 171 5.91 23.42 16.99
N GLN C 172 5.17 23.02 18.03
CA GLN C 172 5.73 22.52 19.28
C GLN C 172 4.90 21.34 19.75
N GLY C 173 5.56 20.39 20.41
CA GLY C 173 4.90 19.19 20.88
C GLY C 173 5.79 18.43 21.84
N ASP C 174 5.28 17.27 22.26
CA ASP C 174 5.98 16.46 23.27
C ASP C 174 7.37 16.07 22.80
N ILE C 175 7.53 15.78 21.51
CA ILE C 175 8.83 15.38 21.00
C ILE C 175 9.80 16.57 20.98
N GLY C 176 9.29 17.78 20.79
CA GLY C 176 10.17 18.93 20.70
C GLY C 176 9.57 20.07 19.92
N SER C 177 10.36 20.69 19.04
CA SER C 177 9.89 21.83 18.26
C SER C 177 10.42 21.72 16.85
N GLY C 178 9.63 22.20 15.89
CA GLY C 178 10.01 22.14 14.49
C GLY C 178 9.60 23.41 13.77
N SER C 179 10.23 23.62 12.62
CA SER C 179 9.94 24.79 11.81
C SER C 179 10.43 24.58 10.39
N VAL C 180 9.71 25.16 9.44
CA VAL C 180 10.07 25.16 8.03
C VAL C 180 9.94 26.60 7.53
N THR C 181 11.01 27.15 6.97
CA THR C 181 11.04 28.51 6.46
C THR C 181 11.23 28.51 4.95
N ILE C 182 10.34 29.20 4.25
CA ILE C 182 10.43 29.38 2.80
C ILE C 182 10.67 30.85 2.52
N ARG C 183 11.57 31.12 1.58
CA ARG C 183 11.84 32.47 1.12
C ARG C 183 11.25 32.61 -0.27
N GLN C 184 10.85 33.84 -0.61
CA GLN C 184 10.31 34.01 -1.95
C GLN C 184 11.40 33.73 -2.98
N HIS C 185 11.11 32.78 -3.85
CA HIS C 185 12.09 32.11 -4.71
C HIS C 185 11.55 32.11 -6.13
N THR C 186 12.32 32.68 -7.05
CA THR C 186 11.96 32.77 -8.46
C THR C 186 12.93 31.92 -9.26
N SER C 187 12.40 30.99 -10.04
CA SER C 187 13.22 30.15 -10.90
C SER C 187 13.05 30.59 -12.34
N VAL C 188 14.18 30.79 -13.02
CA VAL C 188 14.17 31.10 -14.44
C VAL C 188 13.73 29.88 -15.25
N ASP C 189 14.23 28.70 -14.87
CA ASP C 189 13.87 27.46 -15.54
C ASP C 189 12.43 27.02 -15.33
N LYS C 190 12.12 26.51 -14.14
CA LYS C 190 10.85 25.86 -13.86
C LYS C 190 10.03 26.65 -12.85
N PRO C 191 8.99 27.37 -13.30
CA PRO C 191 8.23 28.20 -12.36
C PRO C 191 7.18 27.48 -11.55
N GLU C 192 7.04 26.14 -11.57
CA GLU C 192 6.21 25.62 -10.48
C GLU C 192 6.91 25.61 -9.15
N GLN C 193 8.20 25.93 -9.10
CA GLN C 193 8.94 25.92 -7.84
C GLN C 193 8.92 27.30 -7.22
N ASN C 194 8.19 28.22 -7.83
CA ASN C 194 8.18 29.61 -7.41
C ASN C 194 7.47 29.77 -6.09
N VAL C 195 7.99 30.68 -5.27
CA VAL C 195 7.35 31.12 -4.04
C VAL C 195 7.32 32.63 -4.13
N SER C 196 6.13 33.21 -4.18
CA SER C 196 5.96 34.65 -4.21
C SER C 196 5.22 35.09 -2.97
N ILE C 197 5.66 36.21 -2.38
CA ILE C 197 5.05 36.75 -1.18
C ILE C 197 4.74 38.21 -1.43
N ALA C 198 3.45 38.55 -1.40
CA ALA C 198 2.98 39.93 -1.49
C ALA C 198 2.44 40.31 -0.12
N LEU C 199 3.13 41.23 0.55
CA LEU C 199 2.86 41.52 1.95
C LEU C 199 2.85 43.01 2.19
N SER C 200 1.74 43.51 2.73
CA SER C 200 1.59 44.90 3.15
C SER C 200 1.94 45.09 4.61
N GLU C 201 1.79 44.06 5.43
CA GLU C 201 2.01 44.15 6.86
C GLU C 201 2.23 42.74 7.40
N PRO C 202 3.16 42.55 8.34
CA PRO C 202 3.43 41.19 8.83
C PRO C 202 2.21 40.61 9.55
N VAL C 203 2.12 39.28 9.54
CA VAL C 203 0.95 38.61 10.11
C VAL C 203 1.37 37.27 10.68
N ALA C 204 0.80 36.92 11.84
CA ALA C 204 1.14 35.67 12.51
C ALA C 204 -0.14 35.05 13.07
N LEU C 205 -0.47 33.84 12.64
CA LEU C 205 -1.69 33.19 13.09
C LEU C 205 -1.46 31.71 13.35
N THR C 206 -2.26 31.14 14.24
CA THR C 206 -2.16 29.73 14.61
C THR C 206 -3.35 28.96 14.06
N PHE C 207 -3.10 27.73 13.60
CA PHE C 207 -4.13 26.93 12.93
C PHE C 207 -3.97 25.46 13.27
N SER C 208 -5.08 24.73 13.10
CA SER C 208 -5.09 23.30 13.33
C SER C 208 -4.47 22.57 12.15
N LEU C 209 -3.51 21.70 12.43
CA LEU C 209 -2.78 21.03 11.36
C LEU C 209 -3.61 19.94 10.68
N LYS C 210 -4.50 19.26 11.41
CA LYS C 210 -5.29 18.21 10.79
C LYS C 210 -6.21 18.79 9.72
N TYR C 211 -6.78 19.97 9.97
CA TYR C 211 -7.61 20.62 8.96
C TYR C 211 -6.79 21.00 7.73
N LEU C 212 -5.57 21.50 7.94
CA LEU C 212 -4.71 21.84 6.81
C LEU C 212 -4.32 20.60 6.00
N VAL C 213 -4.06 19.49 6.69
CA VAL C 213 -3.77 18.24 5.99
C VAL C 213 -4.96 17.79 5.17
N ASN C 214 -6.17 17.96 5.71
CA ASN C 214 -7.38 17.69 4.93
C ASN C 214 -7.47 18.61 3.72
N PHE C 215 -7.16 19.90 3.91
CA PHE C 215 -7.14 20.85 2.80
C PHE C 215 -6.22 20.38 1.69
N CYS C 216 -5.04 19.88 2.07
CA CYS C 216 -4.01 19.54 1.10
C CYS C 216 -4.36 18.34 0.23
N LYS C 217 -5.49 17.67 0.49
CA LYS C 217 -5.97 16.64 -0.42
C LYS C 217 -6.42 17.20 -1.77
N ALA C 218 -6.43 18.51 -1.93
CA ALA C 218 -6.70 19.16 -3.20
C ALA C 218 -5.44 19.40 -4.02
N THR C 219 -4.28 18.89 -3.56
CA THR C 219 -3.02 19.11 -4.25
C THR C 219 -3.09 18.66 -5.72
N SER C 220 -3.84 17.59 -6.00
CA SER C 220 -3.92 17.07 -7.36
C SER C 220 -4.67 18.00 -8.30
N LEU C 221 -5.35 19.04 -7.79
CA LEU C 221 -6.12 19.94 -8.63
C LEU C 221 -5.29 21.06 -9.22
N SER C 222 -4.14 21.36 -8.64
CA SER C 222 -3.29 22.44 -9.13
C SER C 222 -1.91 22.28 -8.52
N SER C 223 -0.88 22.59 -9.31
CA SER C 223 0.49 22.59 -8.85
C SER C 223 0.82 23.78 -7.96
N LYS C 224 -0.10 24.73 -7.81
CA LYS C 224 0.14 25.96 -7.08
C LYS C 224 -0.96 26.13 -6.04
N VAL C 225 -0.60 26.67 -4.88
CA VAL C 225 -1.55 26.96 -3.82
C VAL C 225 -1.29 28.39 -3.35
N THR C 226 -2.37 29.08 -2.98
CA THR C 226 -2.27 30.45 -2.49
C THR C 226 -2.82 30.52 -1.07
N LEU C 227 -2.01 31.06 -0.16
CA LEU C 227 -2.38 31.26 1.23
C LEU C 227 -2.57 32.76 1.46
N CYS C 228 -3.75 33.13 1.94
CA CYS C 228 -4.10 34.53 2.20
C CYS C 228 -4.36 34.69 3.69
N LEU C 229 -3.59 35.60 4.32
CA LEU C 229 -3.65 35.79 5.76
C LEU C 229 -3.83 37.27 6.08
N SER C 230 -4.64 37.53 7.10
CA SER C 230 -4.64 38.81 7.79
C SER C 230 -5.13 38.55 9.21
N GLN C 231 -4.80 39.47 10.11
CA GLN C 231 -4.86 39.18 11.54
C GLN C 231 -6.27 38.86 12.03
N GLU C 232 -7.30 39.46 11.45
CA GLU C 232 -8.63 39.41 12.04
C GLU C 232 -9.61 38.49 11.30
N VAL C 233 -9.15 37.73 10.31
CA VAL C 233 -10.06 36.90 9.53
C VAL C 233 -9.47 35.49 9.41
N PRO C 234 -10.31 34.50 9.11
CA PRO C 234 -9.79 33.15 8.89
C PRO C 234 -8.80 33.08 7.74
N LEU C 235 -7.94 32.06 7.80
CA LEU C 235 -6.99 31.80 6.72
C LEU C 235 -7.71 31.32 5.48
N LEU C 236 -7.24 31.77 4.32
CA LEU C 236 -7.76 31.30 3.03
C LEU C 236 -6.70 30.48 2.32
N VAL C 237 -7.06 29.27 1.90
CA VAL C 237 -6.18 28.38 1.13
C VAL C 237 -6.90 28.09 -0.17
N GLU C 238 -6.35 28.60 -1.28
CA GLU C 238 -7.03 28.60 -2.56
C GLU C 238 -6.26 27.77 -3.58
N TYR C 239 -6.99 26.90 -4.28
CA TYR C 239 -6.46 26.12 -5.40
C TYR C 239 -7.22 26.52 -6.66
N GLY C 240 -6.49 26.99 -7.66
CA GLY C 240 -7.11 27.31 -8.94
C GLY C 240 -7.42 26.06 -9.74
N LEU C 241 -8.55 26.09 -10.44
CA LEU C 241 -9.05 24.94 -11.17
C LEU C 241 -8.88 25.06 -12.67
N GLY C 242 -8.48 26.23 -13.16
CA GLY C 242 -8.39 26.52 -14.59
C GLY C 242 -9.59 27.28 -15.07
N SER C 243 -10.79 26.74 -14.80
CA SER C 243 -12.06 27.42 -15.05
C SER C 243 -13.00 27.09 -13.88
N GLY C 244 -12.71 27.72 -12.74
CA GLY C 244 -13.35 27.61 -11.45
C GLY C 244 -12.28 27.67 -10.36
N HIS C 245 -12.64 27.28 -9.14
CA HIS C 245 -11.71 27.35 -8.02
C HIS C 245 -12.23 26.52 -6.86
N LEU C 246 -11.31 26.17 -5.95
CA LEU C 246 -11.65 25.50 -4.70
C LEU C 246 -10.94 26.22 -3.55
N ARG C 247 -11.72 26.80 -2.64
CA ARG C 247 -11.20 27.57 -1.52
C ARG C 247 -11.56 26.88 -0.21
N PHE C 248 -10.60 26.86 0.72
CA PHE C 248 -10.82 26.41 2.07
C PHE C 248 -10.55 27.58 3.02
N TYR C 249 -11.43 27.77 3.99
CA TYR C 249 -11.29 28.78 5.01
C TYR C 249 -11.13 28.10 6.35
N LEU C 250 -10.18 28.57 7.15
CA LEU C 250 -9.86 27.94 8.42
C LEU C 250 -9.85 28.99 9.53
N ALA C 251 -10.72 28.80 10.52
CA ALA C 251 -10.75 29.70 11.67
C ALA C 251 -9.53 29.46 12.56
N PRO C 252 -8.93 30.52 13.09
CA PRO C 252 -7.68 30.36 13.84
C PRO C 252 -7.90 29.94 15.29
N LYS C 253 -6.78 29.55 15.90
CA LYS C 253 -6.66 29.36 17.35
C LYS C 253 -6.03 30.62 17.92
N ILE C 254 -6.52 31.06 19.08
CA ILE C 254 -6.22 32.39 19.59
C ILE C 254 -5.55 32.34 20.97
N GLY C 255 -6.15 31.61 21.90
CA GLY C 255 -5.64 31.59 23.27
C GLY C 255 -4.24 31.06 23.41
N ARG D 2 -35.10 -12.93 -4.57
CA ARG D 2 -35.52 -13.13 -3.19
C ARG D 2 -34.87 -14.37 -2.58
N ARG D 3 -34.49 -15.32 -3.43
CA ARG D 3 -33.91 -16.57 -2.98
C ARG D 3 -32.60 -16.81 -3.73
N GLN D 4 -31.53 -17.01 -2.97
CA GLN D 4 -30.25 -17.43 -3.53
C GLN D 4 -30.29 -18.94 -3.69
N THR D 5 -30.26 -19.42 -4.92
CA THR D 5 -30.29 -20.85 -5.15
C THR D 5 -28.94 -21.47 -4.79
N SER D 6 -28.92 -22.78 -4.68
CA SER D 6 -27.72 -23.53 -4.34
C SER D 6 -27.19 -24.26 -5.55
N MET D 7 -25.87 -24.48 -5.57
CA MET D 7 -25.27 -25.28 -6.63
C MET D 7 -25.89 -26.68 -6.67
N THR D 8 -26.25 -27.24 -5.51
CA THR D 8 -26.86 -28.56 -5.44
C THR D 8 -28.27 -28.60 -6.00
N ASP D 9 -28.89 -27.44 -6.25
CA ASP D 9 -30.18 -27.44 -6.94
C ASP D 9 -30.05 -27.86 -8.40
N PHE D 10 -28.86 -27.67 -8.97
CA PHE D 10 -28.65 -27.91 -10.40
C PHE D 10 -27.81 -29.13 -10.70
N TYR D 11 -26.82 -29.45 -9.85
CA TYR D 11 -25.95 -30.57 -10.10
C TYR D 11 -25.98 -31.48 -8.88
N HIS D 12 -26.16 -32.77 -9.14
CA HIS D 12 -26.30 -33.80 -8.14
C HIS D 12 -24.93 -34.38 -7.79
N SER D 13 -24.84 -34.99 -6.61
CA SER D 13 -23.53 -35.45 -6.13
C SER D 13 -23.00 -36.60 -6.97
N LYS D 14 -21.68 -36.63 -7.11
CA LYS D 14 -20.99 -37.72 -7.79
C LYS D 14 -19.83 -38.25 -6.96
N ARG E 3 17.17 -23.70 25.53
CA ARG E 3 16.59 -22.45 26.02
C ARG E 3 17.30 -21.25 25.44
N GLN E 4 16.57 -20.14 25.32
CA GLN E 4 17.16 -18.88 24.85
C GLN E 4 18.17 -18.37 25.87
N THR E 5 19.42 -18.22 25.45
CA THR E 5 20.46 -17.69 26.33
C THR E 5 20.44 -16.16 26.29
N SER E 6 21.29 -15.55 27.09
CA SER E 6 21.37 -14.09 27.20
C SER E 6 22.74 -13.61 26.75
N MET E 7 22.77 -12.38 26.25
CA MET E 7 24.04 -11.80 25.80
C MET E 7 25.02 -11.61 26.95
N THR E 8 24.50 -11.31 28.15
CA THR E 8 25.37 -11.16 29.31
C THR E 8 25.98 -12.47 29.77
N ASP E 9 25.52 -13.61 29.25
CA ASP E 9 26.18 -14.88 29.53
C ASP E 9 27.47 -15.05 28.75
N PHE E 10 27.69 -14.25 27.72
CA PHE E 10 28.87 -14.36 26.88
C PHE E 10 29.83 -13.19 27.02
N TYR E 11 29.33 -11.99 27.31
CA TYR E 11 30.16 -10.80 27.44
C TYR E 11 29.84 -10.12 28.77
N HIS E 12 30.89 -9.80 29.54
CA HIS E 12 30.70 -9.07 30.78
C HIS E 12 30.33 -7.62 30.49
N SER E 13 29.66 -7.00 31.45
CA SER E 13 29.41 -5.56 31.39
C SER E 13 30.71 -4.81 31.66
N LYS E 14 30.89 -4.15 31.26
CA LYS E 14 32.07 -3.37 31.63
C LYS E 14 31.66 -2.06 32.29
N ARG F 2 -5.99 28.35 23.47
CA ARG F 2 -7.01 28.12 24.49
C ARG F 2 -8.38 27.93 23.87
N ARG F 3 -8.62 28.61 22.75
CA ARG F 3 -9.92 28.53 22.07
C ARG F 3 -9.73 28.37 20.57
N GLN F 4 -10.35 27.34 20.00
CA GLN F 4 -10.48 27.20 18.56
C GLN F 4 -11.72 27.98 18.13
N THR F 5 -11.51 29.05 17.36
CA THR F 5 -12.63 29.88 16.94
C THR F 5 -13.46 29.18 15.86
N SER F 6 -14.65 29.73 15.61
CA SER F 6 -15.57 29.20 14.62
C SER F 6 -15.63 30.13 13.41
N MET F 7 -15.93 29.55 12.25
CA MET F 7 -16.14 30.36 11.06
C MET F 7 -17.27 31.35 11.25
N THR F 8 -18.31 30.97 12.00
CA THR F 8 -19.44 31.85 12.26
C THR F 8 -19.08 33.02 13.18
N ASP F 9 -17.91 33.00 13.81
CA ASP F 9 -17.45 34.16 14.57
C ASP F 9 -17.12 35.33 13.66
N PHE F 10 -16.78 35.07 12.41
CA PHE F 10 -16.29 36.09 11.49
C PHE F 10 -17.28 36.46 10.40
N TYR F 11 -18.11 35.52 9.94
CA TYR F 11 -19.04 35.75 8.84
C TYR F 11 -20.46 35.42 9.27
N HIS F 12 -21.40 36.27 8.87
CA HIS F 12 -22.78 36.10 9.28
C HIS F 12 -23.50 35.12 8.35
N SER F 13 -24.58 34.54 8.87
CA SER F 13 -25.35 33.59 8.09
C SER F 13 -26.10 34.30 6.96
N LYS F 14 -26.23 33.62 5.83
CA LYS F 14 -27.04 34.12 4.72
C LYS F 14 -27.94 33.00 4.22
N ARG F 15 -28.74 33.31 3.20
CA ARG F 15 -29.67 32.35 2.64
C ARG F 15 -29.06 31.61 1.46
#